data_7COO
#
_entry.id   7COO
#
_cell.length_a   58.820
_cell.length_b   128.830
_cell.length_c   149.330
_cell.angle_alpha   90.000
_cell.angle_beta   90.000
_cell.angle_gamma   90.000
#
_symmetry.space_group_name_H-M   'P 21 21 21'
#
loop_
_entity.id
_entity.type
_entity.pdbx_description
1 polymer 'Bifunctional cytochrome P450/NADPH--P450 reductase'
2 non-polymer 'PROTOPORPHYRIN IX CONTAINING FE'
3 non-polymer 'CYCLOHEXYLAMMONIUM ION'
4 non-polymer '(2S)-3-phenyl-2-[[(2S)-1-phenylmethoxycarbonylpyrrolidin-2-yl]carbonylamino]propanoic acid'
5 non-polymer GLYCEROL
6 water water
#
_entity_poly.entity_id   1
_entity_poly.type   'polypeptide(L)'
_entity_poly.pdbx_seq_one_letter_code
;MTIKEMPQPKTFGELKNLPLLNTDKPVQALMKIADELGEIFKFEAPGRVTRYLSSQRLIKEACDESRFDKNLSQALKFVR
DFAGDGLFTSWTHEKNWKKAHNILLPSFSQQAMKGYHAMMVDIAVQLVQKWERLNADEHIEVPEDMTRLTLDTIGLCGFN
YRFNSFYRDQPHPFITSMVRALDEAMNKLQRANPDDPAYDENKRQFQEDIKVMNDLVDKIIADRKASGEQSDDLLTHMLN
GKDPETGEPLDDENIRYQIITFLIAGHETTSGLLSFALYFLVKNPHVLQKAAEEAARVLVDPVPSYKQVKQLKYVGMVLN
EALRLWPTAPAFSLYAKEDTVLGGEYPLEKGDELMVLIPQLHRDKTIWGDDVEEFRPERFENPSAIPQHAFKPFGNGQRA
CIGQQFALHEATLVLGMMLKHFDFEDHTNYELDIKETLTLKPEGFVVKAKSKKIPL
;
_entity_poly.pdbx_strand_id   A,B
#
loop_
_chem_comp.id
_chem_comp.type
_chem_comp.name
_chem_comp.formula
GOL non-polymer GLYCEROL 'C3 H8 O3'
HAI non-polymer 'CYCLOHEXYLAMMONIUM ION' 'C6 H14 N 1'
HEM non-polymer 'PROTOPORPHYRIN IX CONTAINING FE' 'C34 H32 Fe N4 O4'
ZP6 non-polymer '(2S)-3-phenyl-2-[[(2S)-1-phenylmethoxycarbonylpyrrolidin-2-yl]carbonylamino]propanoic acid' 'C22 H24 N2 O5'
#
# COMPACT_ATOMS: atom_id res chain seq x y z
N ILE A 3 -5.24 32.50 -51.56
CA ILE A 3 -4.65 33.12 -50.31
C ILE A 3 -5.80 33.64 -49.44
N LYS A 4 -6.12 32.91 -48.37
CA LYS A 4 -7.25 33.22 -47.43
C LYS A 4 -6.70 33.89 -46.17
N GLU A 5 -7.51 34.74 -45.54
CA GLU A 5 -7.27 35.29 -44.19
C GLU A 5 -7.76 34.28 -43.16
N MET A 6 -6.96 34.09 -42.14
CA MET A 6 -7.17 33.07 -41.11
C MET A 6 -8.14 33.57 -40.05
N PRO A 7 -9.14 32.79 -39.58
CA PRO A 7 -9.93 33.22 -38.43
C PRO A 7 -9.13 33.21 -37.13
N GLN A 8 -9.65 33.92 -36.13
CA GLN A 8 -8.99 34.14 -34.82
C GLN A 8 -10.09 34.19 -33.77
N PRO A 9 -9.95 33.46 -32.64
CA PRO A 9 -10.95 33.53 -31.58
C PRO A 9 -10.93 34.90 -30.86
N LYS A 10 -11.86 35.06 -29.93
CA LYS A 10 -12.12 36.36 -29.26
C LYS A 10 -10.88 36.86 -28.51
N THR A 11 -10.68 38.17 -28.51
CA THR A 11 -9.52 38.86 -27.92
C THR A 11 -9.91 39.66 -26.69
N PHE A 12 -8.89 40.02 -25.92
CA PHE A 12 -8.97 40.71 -24.59
C PHE A 12 -8.02 41.92 -24.60
N GLY A 13 -8.22 42.83 -25.55
CA GLY A 13 -7.37 44.02 -25.67
C GLY A 13 -5.90 43.62 -25.80
N GLU A 14 -5.03 44.21 -24.97
CA GLU A 14 -3.56 44.07 -25.10
C GLU A 14 -3.15 42.62 -24.79
N LEU A 15 -3.99 41.83 -24.12
CA LEU A 15 -3.69 40.41 -23.81
C LEU A 15 -4.04 39.50 -24.99
N LYS A 16 -4.68 40.02 -26.03
CA LYS A 16 -4.96 39.27 -27.28
C LYS A 16 -5.73 38.01 -26.88
N ASN A 17 -5.28 36.80 -27.24
CA ASN A 17 -6.07 35.57 -26.93
C ASN A 17 -5.61 34.92 -25.62
N LEU A 18 -4.59 35.45 -24.94
CA LEU A 18 -3.98 34.76 -23.78
C LEU A 18 -5.05 34.36 -22.75
N PRO A 19 -6.05 35.20 -22.37
CA PRO A 19 -6.98 34.80 -21.33
C PRO A 19 -7.86 33.59 -21.70
N LEU A 20 -7.87 33.13 -22.95
CA LEU A 20 -8.59 31.88 -23.33
C LEU A 20 -7.90 30.67 -22.67
N LEU A 21 -6.63 30.81 -22.26
CA LEU A 21 -5.89 29.73 -21.56
C LEU A 21 -6.12 29.79 -20.05
N ASN A 22 -6.82 30.80 -19.54
CA ASN A 22 -7.15 30.90 -18.09
C ASN A 22 -8.31 29.95 -17.81
N THR A 23 -8.03 28.66 -17.87
CA THR A 23 -8.99 27.54 -17.71
C THR A 23 -8.19 26.30 -17.24
N ASP A 24 -8.78 25.38 -16.49
CA ASP A 24 -8.07 24.13 -16.12
CA ASP A 24 -8.09 24.12 -16.11
C ASP A 24 -8.12 23.15 -17.29
N LYS A 25 -8.86 23.47 -18.37
CA LYS A 25 -8.99 22.51 -19.50
C LYS A 25 -8.69 23.20 -20.83
N PRO A 26 -7.43 23.67 -21.02
CA PRO A 26 -7.09 24.43 -22.22
C PRO A 26 -7.21 23.66 -23.55
N VAL A 27 -6.82 22.39 -23.59
CA VAL A 27 -6.91 21.59 -24.83
C VAL A 27 -8.38 21.47 -25.23
N GLN A 28 -9.26 21.19 -24.27
CA GLN A 28 -10.70 21.05 -24.57
C GLN A 28 -11.24 22.42 -25.02
N ALA A 29 -10.79 23.54 -24.46
CA ALA A 29 -11.20 24.88 -24.92
C ALA A 29 -10.75 25.08 -26.37
N LEU A 30 -9.51 24.71 -26.70
CA LEU A 30 -8.97 24.87 -28.07
C LEU A 30 -9.74 23.96 -29.03
N MET A 31 -10.19 22.80 -28.57
CA MET A 31 -11.01 21.89 -29.40
C MET A 31 -12.34 22.58 -29.74
N LYS A 32 -12.95 23.24 -28.76
CA LYS A 32 -14.23 23.95 -29.00
C LYS A 32 -13.99 25.10 -29.99
N ILE A 33 -12.90 25.85 -29.86
CA ILE A 33 -12.56 26.94 -30.82
C ILE A 33 -12.40 26.34 -32.22
N ALA A 34 -11.73 25.19 -32.35
CA ALA A 34 -11.53 24.54 -33.66
C ALA A 34 -12.89 24.14 -34.24
N ASP A 35 -13.80 23.63 -33.42
CA ASP A 35 -15.17 23.28 -33.88
C ASP A 35 -15.87 24.53 -34.46
N GLU A 36 -15.64 25.71 -33.89
CA GLU A 36 -16.32 26.97 -34.30
C GLU A 36 -15.65 27.53 -35.55
N LEU A 37 -14.31 27.53 -35.60
CA LEU A 37 -13.54 28.32 -36.58
C LEU A 37 -13.03 27.44 -37.73
N GLY A 38 -12.91 26.13 -37.54
CA GLY A 38 -12.52 25.22 -38.61
C GLY A 38 -11.06 24.79 -38.55
N GLU A 39 -10.50 24.45 -39.71
CA GLU A 39 -9.26 23.66 -39.81
C GLU A 39 -8.04 24.45 -39.37
N ILE A 40 -8.10 25.78 -39.33
CA ILE A 40 -6.93 26.60 -38.93
C ILE A 40 -7.38 27.88 -38.26
N PHE A 41 -6.72 28.26 -37.17
CA PHE A 41 -6.97 29.58 -36.54
C PHE A 41 -5.67 30.12 -35.95
N LYS A 42 -5.58 31.44 -35.95
CA LYS A 42 -4.46 32.23 -35.37
C LYS A 42 -4.74 32.37 -33.89
N PHE A 43 -3.71 32.24 -33.08
CA PHE A 43 -3.79 32.42 -31.62
C PHE A 43 -2.62 33.30 -31.23
N GLU A 44 -2.92 34.45 -30.60
CA GLU A 44 -1.93 35.50 -30.29
C GLU A 44 -1.91 35.72 -28.78
N ALA A 45 -0.71 35.90 -28.26
CA ALA A 45 -0.46 36.39 -26.89
C ALA A 45 0.56 37.51 -27.01
N PRO A 46 0.77 38.33 -25.96
CA PRO A 46 1.82 39.34 -26.01
C PRO A 46 3.13 38.66 -26.43
N GLY A 47 3.67 39.06 -27.59
CA GLY A 47 4.99 38.65 -28.08
C GLY A 47 4.98 37.29 -28.77
N ARG A 48 3.81 36.71 -29.04
CA ARG A 48 3.71 35.30 -29.51
C ARG A 48 2.57 35.17 -30.53
N VAL A 49 2.81 34.44 -31.60
N VAL A 49 2.82 34.42 -31.59
CA VAL A 49 1.74 34.02 -32.55
CA VAL A 49 1.81 34.02 -32.62
C VAL A 49 1.95 32.55 -32.91
C VAL A 49 1.97 32.53 -32.90
N THR A 50 0.86 31.77 -32.86
CA THR A 50 0.86 30.39 -33.37
C THR A 50 -0.42 30.17 -34.17
N ARG A 51 -0.45 29.08 -34.90
CA ARG A 51 -1.63 28.70 -35.71
C ARG A 51 -1.98 27.27 -35.35
N TYR A 52 -3.23 27.04 -34.95
CA TYR A 52 -3.75 25.72 -34.54
C TYR A 52 -4.37 25.02 -35.75
N LEU A 53 -3.84 23.85 -36.09
CA LEU A 53 -4.30 23.03 -37.24
C LEU A 53 -5.14 21.85 -36.74
N SER A 54 -6.26 21.58 -37.40
CA SER A 54 -7.24 20.55 -37.02
C SER A 54 -7.57 19.58 -38.15
N SER A 55 -7.24 19.87 -39.42
CA SER A 55 -7.67 19.01 -40.56
C SER A 55 -6.51 18.14 -41.01
N GLN A 56 -6.82 16.93 -41.48
CA GLN A 56 -5.83 16.05 -42.12
C GLN A 56 -5.27 16.77 -43.36
N ARG A 57 -6.11 17.54 -44.09
CA ARG A 57 -5.69 18.26 -45.32
C ARG A 57 -4.43 19.10 -45.01
N LEU A 58 -4.43 19.86 -43.90
CA LEU A 58 -3.29 20.75 -43.57
C LEU A 58 -2.21 20.00 -42.77
N ILE A 59 -2.60 19.10 -41.90
CA ILE A 59 -1.63 18.41 -41.02
C ILE A 59 -0.75 17.48 -41.87
N LYS A 60 -1.26 16.89 -42.95
CA LYS A 60 -0.39 16.03 -43.80
C LYS A 60 0.76 16.88 -44.36
N GLU A 61 0.54 18.18 -44.62
CA GLU A 61 1.62 19.07 -45.10
C GLU A 61 2.56 19.44 -43.95
N ALA A 62 2.00 19.73 -42.78
CA ALA A 62 2.78 20.07 -41.57
C ALA A 62 3.74 18.92 -41.23
N CYS A 63 3.38 17.68 -41.57
CA CYS A 63 4.18 16.47 -41.22
C CYS A 63 5.31 16.21 -42.24
N ASP A 64 5.48 17.06 -43.25
CA ASP A 64 6.58 17.03 -44.22
C ASP A 64 7.85 17.56 -43.53
N GLU A 65 8.80 16.68 -43.21
CA GLU A 65 10.01 17.05 -42.44
C GLU A 65 10.95 17.94 -43.29
N SER A 66 10.77 17.97 -44.61
CA SER A 66 11.57 18.87 -45.47
C SER A 66 11.13 20.31 -45.25
N ARG A 67 9.91 20.54 -44.77
CA ARG A 67 9.31 21.90 -44.65
C ARG A 67 9.22 22.34 -43.19
N PHE A 68 8.99 21.41 -42.27
CA PHE A 68 8.72 21.75 -40.84
C PHE A 68 9.52 20.82 -39.93
N ASP A 69 9.99 21.38 -38.83
CA ASP A 69 10.72 20.66 -37.75
C ASP A 69 9.98 20.86 -36.43
N LYS A 70 10.25 19.99 -35.47
CA LYS A 70 9.69 20.14 -34.11
C LYS A 70 10.04 21.51 -33.50
N ASN A 71 9.03 22.17 -32.96
CA ASN A 71 9.16 23.40 -32.17
C ASN A 71 8.94 23.06 -30.69
N LEU A 72 9.65 23.77 -29.80
CA LEU A 72 9.33 23.76 -28.35
C LEU A 72 8.27 24.85 -28.13
N SER A 73 7.04 24.41 -27.87
CA SER A 73 5.91 25.24 -27.41
C SER A 73 6.31 25.91 -26.09
N GLN A 74 5.52 26.86 -25.63
CA GLN A 74 5.85 27.57 -24.38
C GLN A 74 5.85 26.53 -23.24
N ALA A 75 4.92 25.59 -23.26
CA ALA A 75 4.85 24.51 -22.26
C ALA A 75 6.16 23.73 -22.25
N LEU A 76 6.69 23.36 -23.42
CA LEU A 76 7.93 22.55 -23.44
C LEU A 76 9.11 23.41 -22.99
N LYS A 77 9.12 24.70 -23.29
CA LYS A 77 10.24 25.56 -22.81
C LYS A 77 10.22 25.61 -21.27
N PHE A 78 9.04 25.60 -20.66
CA PHE A 78 8.92 25.57 -19.18
C PHE A 78 9.34 24.20 -18.65
N VAL A 79 8.95 23.11 -19.31
CA VAL A 79 9.34 21.74 -18.90
C VAL A 79 10.86 21.57 -19.05
N ARG A 80 11.47 22.22 -20.04
CA ARG A 80 12.94 22.17 -20.24
C ARG A 80 13.68 22.66 -19.00
N ASP A 81 13.06 23.47 -18.13
CA ASP A 81 13.75 23.94 -16.90
C ASP A 81 14.10 22.74 -16.01
N PHE A 82 13.40 21.60 -16.13
CA PHE A 82 13.77 20.37 -15.37
C PHE A 82 14.08 19.17 -16.29
N ALA A 83 13.61 19.11 -17.52
CA ALA A 83 13.90 17.99 -18.43
C ALA A 83 15.11 18.30 -19.33
N GLY A 84 15.64 19.53 -19.27
CA GLY A 84 16.91 19.90 -19.93
C GLY A 84 16.95 19.55 -21.40
N ASP A 85 18.08 19.04 -21.88
CA ASP A 85 18.24 18.62 -23.29
C ASP A 85 18.06 17.10 -23.34
N GLY A 86 17.12 16.56 -22.56
CA GLY A 86 16.62 15.20 -22.79
C GLY A 86 15.94 15.12 -24.14
N LEU A 87 15.57 13.94 -24.59
CA LEU A 87 15.07 13.77 -25.98
C LEU A 87 13.83 14.62 -26.24
N PHE A 88 12.93 14.75 -25.27
CA PHE A 88 11.60 15.39 -25.50
C PHE A 88 11.72 16.91 -25.55
N THR A 89 12.66 17.50 -24.83
CA THR A 89 12.78 18.98 -24.73
C THR A 89 14.00 19.54 -25.45
N SER A 90 14.63 18.75 -26.32
N SER A 90 14.62 18.73 -26.31
CA SER A 90 15.77 19.20 -27.15
CA SER A 90 15.77 19.10 -27.18
C SER A 90 15.28 19.62 -28.53
C SER A 90 15.27 19.61 -28.54
N TRP A 91 16.00 20.56 -29.12
CA TRP A 91 15.82 20.92 -30.54
C TRP A 91 16.55 19.87 -31.37
N THR A 92 16.03 19.59 -32.56
CA THR A 92 16.59 18.57 -33.46
C THR A 92 18.06 18.88 -33.76
N HIS A 93 18.41 20.15 -33.82
CA HIS A 93 19.77 20.62 -34.19
C HIS A 93 20.76 20.60 -33.01
N GLU A 94 20.33 20.36 -31.78
CA GLU A 94 21.28 20.28 -30.64
C GLU A 94 22.04 18.95 -30.71
N LYS A 95 23.36 18.96 -30.52
CA LYS A 95 24.20 17.74 -30.60
C LYS A 95 23.56 16.60 -29.80
N ASN A 96 23.08 16.89 -28.59
CA ASN A 96 22.61 15.82 -27.67
C ASN A 96 21.30 15.19 -28.16
N TRP A 97 20.55 15.80 -29.07
CA TRP A 97 19.32 15.14 -29.59
C TRP A 97 19.72 13.90 -30.41
N LYS A 98 20.48 14.06 -31.51
CA LYS A 98 20.78 12.91 -32.40
C LYS A 98 21.65 11.93 -31.61
N LYS A 99 22.58 12.42 -30.79
CA LYS A 99 23.46 11.51 -30.02
C LYS A 99 22.62 10.59 -29.12
N ALA A 100 21.71 11.17 -28.32
CA ALA A 100 20.88 10.37 -27.38
C ALA A 100 19.92 9.49 -28.19
N HIS A 101 19.39 10.01 -29.29
CA HIS A 101 18.47 9.25 -30.17
C HIS A 101 19.19 8.00 -30.68
N ASN A 102 20.42 8.15 -31.17
CA ASN A 102 21.15 6.98 -31.74
C ASN A 102 21.44 5.96 -30.64
N ILE A 103 21.82 6.44 -29.46
CA ILE A 103 22.18 5.54 -28.33
C ILE A 103 20.93 4.82 -27.83
N LEU A 104 19.79 5.52 -27.73
CA LEU A 104 18.59 4.98 -27.04
C LEU A 104 17.68 4.19 -27.99
N LEU A 105 17.75 4.39 -29.30
N LEU A 105 17.76 4.38 -29.30
CA LEU A 105 16.81 3.69 -30.22
CA LEU A 105 16.83 3.70 -30.24
C LEU A 105 16.83 2.18 -29.97
C LEU A 105 16.84 2.20 -30.00
N PRO A 106 18.01 1.52 -29.88
CA PRO A 106 18.00 0.08 -29.61
C PRO A 106 17.36 -0.33 -28.29
N SER A 107 17.34 0.56 -27.30
CA SER A 107 16.73 0.32 -25.97
C SER A 107 15.19 0.30 -26.08
N PHE A 108 14.63 0.81 -27.17
CA PHE A 108 13.18 1.07 -27.27
C PHE A 108 12.55 0.30 -28.42
N SER A 109 13.32 -0.60 -29.03
CA SER A 109 12.85 -1.39 -30.18
C SER A 109 11.89 -2.51 -29.73
N GLN A 110 11.16 -3.08 -30.68
CA GLN A 110 10.38 -4.32 -30.42
C GLN A 110 11.28 -5.40 -29.80
N GLN A 111 12.49 -5.59 -30.34
CA GLN A 111 13.45 -6.58 -29.80
C GLN A 111 13.71 -6.33 -28.31
N ALA A 112 13.93 -5.09 -27.90
CA ALA A 112 14.21 -4.72 -26.49
C ALA A 112 13.04 -5.11 -25.59
N MET A 113 11.82 -5.07 -26.14
CA MET A 113 10.60 -5.36 -25.33
C MET A 113 10.67 -6.80 -24.82
N LYS A 114 11.32 -7.72 -25.54
CA LYS A 114 11.45 -9.11 -25.06
C LYS A 114 12.16 -9.13 -23.71
N GLY A 115 13.12 -8.24 -23.54
CA GLY A 115 13.91 -8.12 -22.29
C GLY A 115 13.15 -7.44 -21.17
N TYR A 116 12.31 -6.44 -21.48
CA TYR A 116 11.51 -5.72 -20.46
C TYR A 116 10.29 -6.52 -20.02
N HIS A 117 9.87 -7.49 -20.83
CA HIS A 117 8.58 -8.19 -20.64
C HIS A 117 8.48 -8.73 -19.19
N ALA A 118 9.52 -9.40 -18.67
CA ALA A 118 9.39 -10.05 -17.34
C ALA A 118 9.11 -9.02 -16.24
N MET A 119 9.76 -7.85 -16.32
N MET A 119 9.73 -7.84 -16.28
CA MET A 119 9.56 -6.74 -15.35
CA MET A 119 9.49 -6.83 -15.23
C MET A 119 8.13 -6.20 -15.51
C MET A 119 8.16 -6.11 -15.49
N MET A 120 7.65 -6.04 -16.74
CA MET A 120 6.28 -5.54 -16.97
C MET A 120 5.27 -6.52 -16.37
N VAL A 121 5.49 -7.82 -16.53
CA VAL A 121 4.59 -8.86 -15.97
C VAL A 121 4.61 -8.76 -14.43
N ASP A 122 5.77 -8.51 -13.82
CA ASP A 122 5.89 -8.39 -12.35
C ASP A 122 4.86 -7.37 -11.88
N ILE A 123 4.84 -6.20 -12.50
CA ILE A 123 3.95 -5.10 -12.06
C ILE A 123 2.50 -5.43 -12.45
N ALA A 124 2.27 -5.98 -13.64
CA ALA A 124 0.89 -6.32 -14.07
C ALA A 124 0.29 -7.33 -13.09
N VAL A 125 1.07 -8.30 -12.65
CA VAL A 125 0.57 -9.30 -11.68
C VAL A 125 0.20 -8.60 -10.36
N GLN A 126 0.99 -7.63 -9.92
CA GLN A 126 0.64 -6.85 -8.71
C GLN A 126 -0.73 -6.17 -8.89
N LEU A 127 -1.00 -5.61 -10.06
CA LEU A 127 -2.32 -4.95 -10.30
C LEU A 127 -3.43 -6.00 -10.21
N VAL A 128 -3.27 -7.13 -10.89
CA VAL A 128 -4.34 -8.16 -10.89
C VAL A 128 -4.57 -8.66 -9.45
N GLN A 129 -3.51 -8.90 -8.69
N GLN A 129 -3.51 -8.91 -8.69
CA GLN A 129 -3.61 -9.37 -7.28
CA GLN A 129 -3.64 -9.40 -7.28
C GLN A 129 -4.34 -8.32 -6.43
C GLN A 129 -4.34 -8.32 -6.43
N LYS A 130 -4.03 -7.04 -6.61
CA LYS A 130 -4.73 -5.97 -5.86
C LYS A 130 -6.24 -6.12 -6.10
N TRP A 131 -6.65 -6.22 -7.35
CA TRP A 131 -8.09 -6.22 -7.69
C TRP A 131 -8.74 -7.53 -7.24
N GLU A 132 -8.02 -8.66 -7.26
CA GLU A 132 -8.55 -9.96 -6.79
C GLU A 132 -8.84 -9.87 -5.29
N ARG A 133 -8.12 -9.01 -4.58
CA ARG A 133 -8.14 -8.92 -3.10
C ARG A 133 -9.14 -7.88 -2.63
N LEU A 134 -9.82 -7.18 -3.53
CA LEU A 134 -10.83 -6.19 -3.09
C LEU A 134 -12.02 -6.95 -2.52
N ASN A 135 -12.67 -6.35 -1.53
CA ASN A 135 -13.96 -6.84 -0.96
C ASN A 135 -15.12 -6.45 -1.89
N ALA A 136 -16.26 -7.14 -1.75
CA ALA A 136 -17.41 -7.02 -2.67
C ALA A 136 -17.96 -5.59 -2.69
N ASP A 137 -17.85 -4.86 -1.59
CA ASP A 137 -18.42 -3.49 -1.42
C ASP A 137 -17.47 -2.43 -1.97
N GLU A 138 -16.33 -2.83 -2.54
CA GLU A 138 -15.25 -1.88 -2.92
C GLU A 138 -15.31 -1.62 -4.41
N HIS A 139 -14.65 -0.55 -4.85
CA HIS A 139 -14.50 -0.21 -6.28
C HIS A 139 -13.03 0.09 -6.54
N ILE A 140 -12.75 0.23 -7.82
CA ILE A 140 -11.42 0.57 -8.38
C ILE A 140 -11.42 2.04 -8.81
N GLU A 141 -10.38 2.76 -8.38
CA GLU A 141 -10.06 4.12 -8.87
C GLU A 141 -9.12 3.94 -10.07
N VAL A 142 -9.67 4.03 -11.28
CA VAL A 142 -8.97 3.52 -12.48
C VAL A 142 -7.71 4.32 -12.76
N PRO A 143 -7.74 5.65 -12.99
CA PRO A 143 -6.51 6.37 -13.32
C PRO A 143 -5.46 6.24 -12.20
N GLU A 144 -5.90 6.19 -10.95
CA GLU A 144 -4.98 6.04 -9.80
C GLU A 144 -4.23 4.72 -9.92
N ASP A 145 -4.94 3.62 -10.14
CA ASP A 145 -4.28 2.30 -10.24
C ASP A 145 -3.45 2.19 -11.52
N MET A 146 -3.92 2.74 -12.63
N MET A 146 -3.92 2.75 -12.64
CA MET A 146 -3.14 2.67 -13.90
CA MET A 146 -3.12 2.68 -13.90
C MET A 146 -1.82 3.45 -13.72
C MET A 146 -1.81 3.45 -13.70
N THR A 147 -1.83 4.57 -12.98
CA THR A 147 -0.62 5.38 -12.73
C THR A 147 0.34 4.62 -11.79
N ARG A 148 -0.20 3.93 -10.78
CA ARG A 148 0.64 3.04 -9.94
C ARG A 148 1.39 2.06 -10.85
N LEU A 149 0.66 1.43 -11.77
CA LEU A 149 1.25 0.40 -12.66
C LEU A 149 2.32 1.04 -13.57
N THR A 150 2.00 2.11 -14.28
CA THR A 150 2.93 2.64 -15.31
C THR A 150 4.17 3.24 -14.65
N LEU A 151 3.99 3.93 -13.52
CA LEU A 151 5.16 4.47 -12.78
C LEU A 151 6.07 3.30 -12.35
N ASP A 152 5.51 2.27 -11.73
CA ASP A 152 6.32 1.12 -11.24
C ASP A 152 7.05 0.47 -12.44
N THR A 153 6.40 0.36 -13.58
CA THR A 153 6.99 -0.30 -14.77
C THR A 153 8.22 0.50 -15.22
N ILE A 154 8.10 1.82 -15.36
CA ILE A 154 9.26 2.61 -15.86
C ILE A 154 10.35 2.65 -14.78
N GLY A 155 10.01 2.62 -13.48
CA GLY A 155 11.06 2.56 -12.46
C GLY A 155 11.92 1.31 -12.61
N LEU A 156 11.27 0.16 -12.83
N LEU A 156 11.29 0.14 -12.80
CA LEU A 156 11.96 -1.15 -12.88
CA LEU A 156 12.02 -1.14 -12.92
C LEU A 156 12.74 -1.26 -14.20
C LEU A 156 12.81 -1.16 -14.23
N CYS A 157 12.12 -0.93 -15.34
CA CYS A 157 12.77 -0.99 -16.69
C CYS A 157 13.77 0.15 -16.88
N GLY A 158 13.54 1.29 -16.24
CA GLY A 158 14.41 2.48 -16.37
C GLY A 158 15.71 2.31 -15.58
N PHE A 159 15.63 1.89 -14.32
CA PHE A 159 16.84 1.89 -13.46
C PHE A 159 16.70 0.90 -12.31
N ASN A 160 15.95 -0.18 -12.50
CA ASN A 160 15.89 -1.31 -11.52
C ASN A 160 15.51 -0.79 -10.13
N TYR A 161 14.57 0.14 -10.08
CA TYR A 161 14.11 0.76 -8.82
C TYR A 161 12.63 0.42 -8.63
N ARG A 162 12.26 0.02 -7.42
CA ARG A 162 10.85 -0.30 -7.08
C ARG A 162 10.21 0.90 -6.41
N PHE A 163 9.32 1.60 -7.12
CA PHE A 163 8.50 2.65 -6.47
C PHE A 163 7.51 2.02 -5.49
N ASN A 164 7.17 0.74 -5.66
CA ASN A 164 6.27 0.03 -4.73
C ASN A 164 4.97 0.83 -4.58
N SER A 165 4.41 1.30 -5.71
CA SER A 165 3.22 2.17 -5.71
C SER A 165 1.99 1.43 -5.17
N PHE A 166 1.92 0.09 -5.28
CA PHE A 166 0.75 -0.65 -4.78
C PHE A 166 0.80 -0.80 -3.26
N TYR A 167 1.89 -0.39 -2.61
CA TYR A 167 2.09 -0.50 -1.14
C TYR A 167 1.74 0.83 -0.45
N ARG A 168 1.39 1.89 -1.18
CA ARG A 168 1.31 3.26 -0.60
C ARG A 168 0.16 4.05 -1.20
N ASP A 169 -0.29 5.07 -0.46
CA ASP A 169 -1.10 6.20 -0.97
C ASP A 169 -0.18 7.40 -1.21
N GLN A 170 0.78 7.67 -0.31
CA GLN A 170 1.62 8.89 -0.39
C GLN A 170 2.63 8.73 -1.53
N PRO A 171 2.76 9.73 -2.45
CA PRO A 171 3.75 9.62 -3.50
C PRO A 171 5.18 9.64 -2.94
N HIS A 172 6.07 9.05 -3.73
CA HIS A 172 7.54 9.17 -3.59
C HIS A 172 7.92 10.65 -3.60
N PRO A 173 8.92 11.09 -2.80
CA PRO A 173 9.35 12.50 -2.84
C PRO A 173 9.74 13.00 -4.23
N PHE A 174 10.33 12.15 -5.07
CA PHE A 174 10.64 12.55 -6.47
C PHE A 174 9.33 12.92 -7.18
N ILE A 175 8.30 12.10 -7.00
CA ILE A 175 7.02 12.26 -7.76
C ILE A 175 6.27 13.48 -7.22
N THR A 176 6.30 13.73 -5.91
CA THR A 176 5.71 14.97 -5.35
C THR A 176 6.30 16.17 -6.10
N SER A 177 7.63 16.23 -6.21
CA SER A 177 8.33 17.38 -6.84
C SER A 177 8.03 17.41 -8.34
N MET A 178 8.03 16.26 -9.01
CA MET A 178 7.81 16.20 -10.48
C MET A 178 6.39 16.68 -10.80
N VAL A 179 5.38 16.16 -10.10
CA VAL A 179 3.96 16.57 -10.32
C VAL A 179 3.82 18.07 -10.05
N ARG A 180 4.41 18.60 -8.99
CA ARG A 180 4.28 20.04 -8.64
C ARG A 180 5.03 20.90 -9.68
N ALA A 181 6.16 20.43 -10.22
CA ALA A 181 6.92 21.16 -11.25
C ALA A 181 6.11 21.17 -12.56
N LEU A 182 5.51 20.03 -12.93
CA LEU A 182 4.66 19.94 -14.14
C LEU A 182 3.46 20.88 -13.97
N ASP A 183 2.87 20.92 -12.78
CA ASP A 183 1.69 21.78 -12.50
C ASP A 183 2.09 23.25 -12.66
N GLU A 184 3.26 23.65 -12.13
CA GLU A 184 3.76 25.04 -12.23
C GLU A 184 4.03 25.36 -13.71
N ALA A 185 4.65 24.45 -14.46
CA ALA A 185 4.93 24.72 -15.89
C ALA A 185 3.60 25.00 -16.60
N MET A 186 2.58 24.20 -16.32
CA MET A 186 1.27 24.39 -17.02
CA MET A 186 1.23 24.35 -16.96
C MET A 186 0.55 25.65 -16.52
N ASN A 187 0.62 25.94 -15.21
N ASN A 187 0.61 25.97 -15.22
CA ASN A 187 -0.03 27.14 -14.60
CA ASN A 187 -0.10 27.16 -14.67
C ASN A 187 0.60 28.41 -15.16
C ASN A 187 0.59 28.44 -15.16
N LYS A 188 1.88 28.38 -15.48
CA LYS A 188 2.63 29.55 -16.00
C LYS A 188 2.07 30.02 -17.34
N LEU A 189 1.46 29.11 -18.14
CA LEU A 189 1.09 29.42 -19.56
C LEU A 189 0.15 30.62 -19.62
N GLN A 190 -0.82 30.68 -18.71
CA GLN A 190 -1.90 31.70 -18.74
C GLN A 190 -1.47 33.01 -18.05
N ARG A 191 -0.41 32.99 -17.25
CA ARG A 191 -0.02 34.17 -16.42
C ARG A 191 0.32 35.38 -17.30
N ALA A 192 -0.55 36.39 -17.26
CA ALA A 192 -0.38 37.68 -17.96
C ALA A 192 0.82 38.44 -17.38
N ASN A 193 0.98 38.48 -16.05
CA ASN A 193 2.08 39.21 -15.38
C ASN A 193 2.91 38.23 -14.57
N PRO A 194 3.76 37.38 -15.22
CA PRO A 194 4.51 36.34 -14.51
C PRO A 194 5.49 36.88 -13.45
N ASP A 195 5.90 38.15 -13.56
CA ASP A 195 6.92 38.74 -12.66
C ASP A 195 6.24 39.51 -11.52
N ASP A 196 4.90 39.55 -11.48
CA ASP A 196 4.09 40.04 -10.33
C ASP A 196 4.62 39.35 -9.08
N PRO A 197 4.85 40.06 -7.94
CA PRO A 197 5.32 39.39 -6.72
C PRO A 197 4.43 38.30 -6.10
N ALA A 198 3.15 38.22 -6.49
CA ALA A 198 2.21 37.15 -6.05
C ALA A 198 2.73 35.77 -6.49
N TYR A 199 3.70 35.70 -7.42
CA TYR A 199 4.22 34.42 -7.97
C TYR A 199 5.62 34.09 -7.42
N ASP A 200 6.14 34.86 -6.46
CA ASP A 200 7.49 34.64 -5.89
C ASP A 200 7.54 33.26 -5.18
N GLU A 201 6.49 32.87 -4.46
CA GLU A 201 6.44 31.58 -3.72
C GLU A 201 6.41 30.43 -4.74
N ASN A 202 5.60 30.57 -5.79
CA ASN A 202 5.56 29.61 -6.92
C ASN A 202 6.98 29.42 -7.48
N LYS A 203 7.69 30.52 -7.73
CA LYS A 203 9.06 30.49 -8.30
C LYS A 203 9.99 29.78 -7.32
N ARG A 204 9.89 30.07 -6.01
CA ARG A 204 10.77 29.47 -4.96
C ARG A 204 10.53 27.96 -4.90
N GLN A 205 9.26 27.55 -4.91
CA GLN A 205 8.85 26.13 -4.83
C GLN A 205 9.34 25.40 -6.09
N PHE A 206 9.25 26.04 -7.25
CA PHE A 206 9.71 25.45 -8.53
C PHE A 206 11.21 25.16 -8.47
N GLN A 207 12.02 26.12 -8.02
CA GLN A 207 13.50 25.93 -7.91
C GLN A 207 13.78 24.79 -6.93
N GLU A 208 13.01 24.69 -5.83
CA GLU A 208 13.14 23.61 -4.81
C GLU A 208 12.86 22.26 -5.47
N ASP A 209 11.80 22.18 -6.30
CA ASP A 209 11.37 20.91 -6.94
C ASP A 209 12.40 20.48 -7.98
N ILE A 210 12.96 21.44 -8.72
CA ILE A 210 14.06 21.13 -9.69
C ILE A 210 15.24 20.54 -8.92
N LYS A 211 15.60 21.16 -7.80
CA LYS A 211 16.77 20.70 -7.01
C LYS A 211 16.52 19.28 -6.49
N VAL A 212 15.31 18.98 -6.00
CA VAL A 212 14.93 17.63 -5.50
C VAL A 212 15.10 16.61 -6.64
N MET A 213 14.51 16.89 -7.79
CA MET A 213 14.57 15.91 -8.91
C MET A 213 16.05 15.69 -9.29
N ASN A 214 16.84 16.76 -9.39
CA ASN A 214 18.26 16.65 -9.83
C ASN A 214 19.03 15.85 -8.79
N ASP A 215 18.86 16.17 -7.50
CA ASP A 215 19.65 15.55 -6.40
C ASP A 215 19.35 14.05 -6.36
N LEU A 216 18.06 13.67 -6.42
CA LEU A 216 17.65 12.24 -6.35
C LEU A 216 18.14 11.48 -7.58
N VAL A 217 17.99 12.03 -8.78
CA VAL A 217 18.38 11.27 -9.99
C VAL A 217 19.91 11.22 -10.07
N ASP A 218 20.60 12.29 -9.73
CA ASP A 218 22.09 12.31 -9.74
C ASP A 218 22.60 11.21 -8.79
N LYS A 219 21.91 10.99 -7.66
CA LYS A 219 22.30 9.96 -6.68
C LYS A 219 22.07 8.56 -7.25
N ILE A 220 20.98 8.35 -7.99
N ILE A 220 20.99 8.34 -8.01
CA ILE A 220 20.69 7.04 -8.67
CA ILE A 220 20.70 7.03 -8.65
C ILE A 220 21.87 6.70 -9.59
C ILE A 220 21.86 6.69 -9.61
N ILE A 221 22.32 7.67 -10.37
CA ILE A 221 23.40 7.47 -11.38
C ILE A 221 24.70 7.15 -10.65
N ALA A 222 25.03 7.92 -9.62
CA ALA A 222 26.28 7.78 -8.85
C ALA A 222 26.31 6.40 -8.18
N ASP A 223 25.19 6.00 -7.54
CA ASP A 223 25.04 4.70 -6.85
C ASP A 223 25.27 3.57 -7.85
N ARG A 224 24.70 3.67 -9.05
CA ARG A 224 24.82 2.61 -10.09
C ARG A 224 26.28 2.51 -10.54
N LYS A 225 26.94 3.65 -10.80
CA LYS A 225 28.36 3.63 -11.25
C LYS A 225 29.23 2.98 -10.16
N ALA A 226 28.94 3.29 -8.89
CA ALA A 226 29.67 2.79 -7.70
C ALA A 226 29.48 1.28 -7.52
N SER A 227 28.26 0.76 -7.72
CA SER A 227 27.96 -0.68 -7.47
C SER A 227 28.60 -1.53 -8.55
N GLY A 228 28.69 -0.99 -9.76
CA GLY A 228 29.17 -1.70 -10.97
C GLY A 228 28.14 -2.65 -11.57
N GLU A 229 26.92 -2.69 -11.04
N GLU A 229 26.91 -2.66 -11.04
CA GLU A 229 25.98 -3.76 -11.44
CA GLU A 229 25.84 -3.65 -11.40
C GLU A 229 25.50 -3.47 -12.86
C GLU A 229 25.42 -3.44 -12.86
N GLN A 230 25.31 -4.53 -13.64
CA GLN A 230 24.99 -4.46 -15.09
C GLN A 230 23.57 -4.96 -15.36
N SER A 231 22.58 -4.50 -14.59
CA SER A 231 21.15 -4.81 -14.82
C SER A 231 20.76 -4.34 -16.23
N ASP A 232 19.90 -5.11 -16.89
CA ASP A 232 19.45 -4.86 -18.28
C ASP A 232 18.34 -3.81 -18.23
N ASP A 233 18.73 -2.57 -17.98
CA ASP A 233 17.79 -1.43 -17.87
C ASP A 233 18.31 -0.24 -18.65
N LEU A 234 17.48 0.79 -18.82
CA LEU A 234 17.84 1.98 -19.61
C LEU A 234 19.09 2.65 -19.04
N LEU A 235 19.25 2.65 -17.72
CA LEU A 235 20.41 3.34 -17.12
C LEU A 235 21.70 2.61 -17.50
N THR A 236 21.73 1.28 -17.45
CA THR A 236 22.91 0.49 -17.92
C THR A 236 23.20 0.83 -19.38
N HIS A 237 22.16 0.83 -20.22
CA HIS A 237 22.32 1.08 -21.67
C HIS A 237 22.92 2.47 -21.88
N MET A 238 22.51 3.46 -21.08
CA MET A 238 23.04 4.84 -21.24
C MET A 238 24.46 4.95 -20.66
N LEU A 239 24.79 4.21 -19.59
CA LEU A 239 26.16 4.26 -19.02
C LEU A 239 27.15 3.58 -19.97
N ASN A 240 26.71 2.57 -20.72
CA ASN A 240 27.61 1.70 -21.54
C ASN A 240 27.56 2.09 -23.03
N GLY A 241 26.52 2.80 -23.46
CA GLY A 241 26.25 3.00 -24.90
C GLY A 241 27.15 4.05 -25.51
N LYS A 242 27.50 3.86 -26.77
CA LYS A 242 28.30 4.84 -27.53
C LYS A 242 27.52 5.16 -28.80
N ASP A 243 27.43 6.43 -29.12
CA ASP A 243 26.81 6.89 -30.38
C ASP A 243 27.65 6.39 -31.56
N PRO A 244 27.10 5.60 -32.51
CA PRO A 244 27.90 5.15 -33.66
C PRO A 244 28.52 6.29 -34.48
N GLU A 245 27.90 7.48 -34.52
CA GLU A 245 28.37 8.63 -35.36
C GLU A 245 29.60 9.28 -34.70
N THR A 246 29.45 9.79 -33.48
CA THR A 246 30.49 10.55 -32.72
C THR A 246 31.43 9.58 -31.99
N GLY A 247 31.01 8.33 -31.68
CA GLY A 247 31.74 7.36 -30.83
C GLY A 247 31.71 7.72 -29.34
N GLU A 248 30.96 8.77 -29.01
CA GLU A 248 30.88 9.32 -27.64
C GLU A 248 29.70 8.71 -26.88
N PRO A 249 29.87 8.54 -25.55
CA PRO A 249 28.76 8.21 -24.66
C PRO A 249 28.01 9.48 -24.19
N LEU A 250 26.81 9.33 -23.64
CA LEU A 250 26.11 10.45 -22.96
C LEU A 250 26.86 10.81 -21.67
N ASP A 251 26.89 12.09 -21.32
CA ASP A 251 27.45 12.54 -20.02
C ASP A 251 26.39 12.37 -18.93
N ASP A 252 26.82 12.37 -17.67
CA ASP A 252 25.94 12.08 -16.51
C ASP A 252 24.80 13.10 -16.42
N GLU A 253 25.03 14.37 -16.78
CA GLU A 253 23.96 15.40 -16.72
C GLU A 253 22.88 15.04 -17.75
N ASN A 254 23.28 14.67 -18.97
CA ASN A 254 22.26 14.33 -20.00
C ASN A 254 21.52 13.05 -19.58
N ILE A 255 22.22 12.08 -19.00
CA ILE A 255 21.56 10.82 -18.51
C ILE A 255 20.49 11.23 -17.48
N ARG A 256 20.81 12.14 -16.57
CA ARG A 256 19.80 12.59 -15.57
C ARG A 256 18.57 13.12 -16.31
N TYR A 257 18.76 13.99 -17.31
CA TYR A 257 17.61 14.59 -18.03
C TYR A 257 16.79 13.48 -18.73
N GLN A 258 17.45 12.46 -19.29
CA GLN A 258 16.73 11.34 -19.94
C GLN A 258 15.88 10.61 -18.88
N ILE A 259 16.45 10.30 -17.71
N ILE A 259 16.46 10.30 -17.73
CA ILE A 259 15.68 9.59 -16.65
CA ILE A 259 15.73 9.61 -16.62
C ILE A 259 14.50 10.46 -16.19
C ILE A 259 14.52 10.46 -16.21
N ILE A 260 14.71 11.75 -15.98
CA ILE A 260 13.59 12.66 -15.58
C ILE A 260 12.51 12.57 -16.68
N THR A 261 12.92 12.62 -17.93
CA THR A 261 11.98 12.57 -19.09
C THR A 261 11.20 11.25 -19.09
N PHE A 262 11.86 10.13 -18.87
CA PHE A 262 11.21 8.79 -18.86
C PHE A 262 10.23 8.70 -17.68
N LEU A 263 10.56 9.29 -16.55
CA LEU A 263 9.64 9.24 -15.38
C LEU A 263 8.41 10.12 -15.65
N ILE A 264 8.58 11.27 -16.29
CA ILE A 264 7.40 12.09 -16.70
C ILE A 264 6.52 11.20 -17.59
N ALA A 265 7.12 10.61 -18.62
CA ALA A 265 6.35 9.86 -19.63
C ALA A 265 5.66 8.67 -18.97
N GLY A 266 6.37 7.96 -18.10
CA GLY A 266 5.82 6.73 -17.51
C GLY A 266 4.74 7.00 -16.49
N HIS A 267 4.66 8.22 -15.97
CA HIS A 267 3.62 8.65 -15.01
C HIS A 267 2.40 9.18 -15.76
N GLU A 268 2.63 9.87 -16.87
CA GLU A 268 1.62 10.79 -17.48
C GLU A 268 0.88 10.12 -18.64
N THR A 269 1.51 9.21 -19.39
CA THR A 269 1.05 8.90 -20.76
C THR A 269 0.30 7.57 -20.81
N THR A 270 1.02 6.47 -20.68
CA THR A 270 0.43 5.12 -20.82
C THR A 270 -0.72 5.03 -19.81
N SER A 271 -0.62 5.62 -18.62
CA SER A 271 -1.71 5.46 -17.62
C SER A 271 -3.00 6.08 -18.15
N GLY A 272 -2.90 7.20 -18.85
CA GLY A 272 -4.08 7.83 -19.47
C GLY A 272 -4.66 6.95 -20.56
N LEU A 273 -3.80 6.39 -21.41
CA LEU A 273 -4.26 5.47 -22.49
C LEU A 273 -5.04 4.30 -21.85
N LEU A 274 -4.49 3.65 -20.83
CA LEU A 274 -5.19 2.50 -20.21
C LEU A 274 -6.52 2.96 -19.61
N SER A 275 -6.55 4.13 -18.97
CA SER A 275 -7.77 4.66 -18.32
C SER A 275 -8.84 4.91 -19.39
N PHE A 276 -8.50 5.59 -20.48
CA PHE A 276 -9.47 5.85 -21.57
C PHE A 276 -9.90 4.54 -22.23
N ALA A 277 -8.99 3.59 -22.42
CA ALA A 277 -9.35 2.30 -23.04
C ALA A 277 -10.41 1.62 -22.17
N LEU A 278 -10.20 1.54 -20.85
CA LEU A 278 -11.19 0.84 -20.00
C LEU A 278 -12.50 1.64 -19.99
N TYR A 279 -12.45 2.97 -20.02
CA TYR A 279 -13.67 3.81 -20.09
C TYR A 279 -14.47 3.42 -21.35
N PHE A 280 -13.81 3.36 -22.49
CA PHE A 280 -14.55 3.09 -23.75
C PHE A 280 -15.08 1.66 -23.73
N LEU A 281 -14.35 0.73 -23.14
CA LEU A 281 -14.80 -0.68 -23.08
C LEU A 281 -16.05 -0.78 -22.22
N VAL A 282 -16.10 -0.15 -21.05
CA VAL A 282 -17.32 -0.28 -20.21
C VAL A 282 -18.49 0.49 -20.83
N LYS A 283 -18.24 1.52 -21.64
CA LYS A 283 -19.32 2.28 -22.34
C LYS A 283 -19.77 1.57 -23.62
N ASN A 284 -19.06 0.51 -24.05
CA ASN A 284 -19.33 -0.20 -25.32
C ASN A 284 -19.27 -1.71 -25.08
N PRO A 285 -20.27 -2.31 -24.40
CA PRO A 285 -20.17 -3.69 -23.95
C PRO A 285 -19.94 -4.74 -25.05
N HIS A 286 -20.41 -4.49 -26.27
CA HIS A 286 -20.18 -5.43 -27.38
C HIS A 286 -18.69 -5.46 -27.72
N VAL A 287 -18.04 -4.29 -27.65
CA VAL A 287 -16.57 -4.21 -27.90
C VAL A 287 -15.81 -4.91 -26.76
N LEU A 288 -16.20 -4.64 -25.51
N LEU A 288 -16.19 -4.66 -25.50
CA LEU A 288 -15.60 -5.31 -24.33
CA LEU A 288 -15.55 -5.33 -24.34
C LEU A 288 -15.69 -6.83 -24.49
C LEU A 288 -15.68 -6.85 -24.51
N GLN A 289 -16.86 -7.33 -24.88
CA GLN A 289 -17.06 -8.79 -25.07
C GLN A 289 -16.05 -9.32 -26.10
N LYS A 290 -15.90 -8.66 -27.25
CA LYS A 290 -15.00 -9.14 -28.33
C LYS A 290 -13.55 -9.13 -27.83
N ALA A 291 -13.15 -8.08 -27.10
CA ALA A 291 -11.78 -8.00 -26.56
C ALA A 291 -11.57 -9.11 -25.52
N ALA A 292 -12.56 -9.34 -24.65
CA ALA A 292 -12.46 -10.36 -23.60
C ALA A 292 -12.35 -11.74 -24.22
N GLU A 293 -13.03 -11.98 -25.34
CA GLU A 293 -12.97 -13.29 -26.02
C GLU A 293 -11.54 -13.50 -26.55
N GLU A 294 -10.93 -12.48 -27.14
CA GLU A 294 -9.54 -12.62 -27.62
C GLU A 294 -8.60 -12.90 -26.44
N ALA A 295 -8.75 -12.17 -25.33
CA ALA A 295 -7.84 -12.35 -24.17
C ALA A 295 -7.93 -13.80 -23.69
N ALA A 296 -9.12 -14.36 -23.62
CA ALA A 296 -9.32 -15.75 -23.15
C ALA A 296 -8.68 -16.73 -24.13
N ARG A 297 -8.84 -16.49 -25.42
CA ARG A 297 -8.33 -17.42 -26.48
CA ARG A 297 -8.33 -17.42 -26.46
C ARG A 297 -6.80 -17.44 -26.46
N VAL A 298 -6.18 -16.27 -26.28
CA VAL A 298 -4.72 -16.09 -26.47
C VAL A 298 -3.94 -16.36 -25.17
N LEU A 299 -4.41 -15.86 -24.03
CA LEU A 299 -3.60 -15.85 -22.78
C LEU A 299 -3.88 -17.16 -22.03
N VAL A 300 -3.34 -18.24 -22.57
CA VAL A 300 -3.66 -19.63 -22.12
C VAL A 300 -2.76 -20.04 -20.95
N ASP A 301 -1.81 -19.20 -20.54
CA ASP A 301 -0.83 -19.54 -19.48
C ASP A 301 -1.05 -18.61 -18.30
N PRO A 302 -0.70 -19.02 -17.06
CA PRO A 302 -0.97 -18.17 -15.90
C PRO A 302 -0.26 -16.82 -15.98
N VAL A 303 0.89 -16.77 -16.65
CA VAL A 303 1.73 -15.55 -16.89
C VAL A 303 1.78 -15.32 -18.40
N PRO A 304 1.38 -14.16 -18.98
CA PRO A 304 1.54 -13.98 -20.42
C PRO A 304 3.01 -13.97 -20.82
N SER A 305 3.27 -14.45 -22.03
CA SER A 305 4.59 -14.35 -22.69
C SER A 305 4.61 -13.15 -23.66
N TYR A 306 5.81 -12.74 -24.05
CA TYR A 306 6.00 -11.71 -25.10
C TYR A 306 5.23 -12.15 -26.35
N LYS A 307 5.40 -13.39 -26.80
CA LYS A 307 4.75 -13.83 -28.07
C LYS A 307 3.23 -13.75 -27.95
N GLN A 308 2.65 -14.06 -26.80
CA GLN A 308 1.19 -14.00 -26.61
C GLN A 308 0.72 -12.54 -26.72
N VAL A 309 1.44 -11.59 -26.12
CA VAL A 309 1.03 -10.17 -26.20
C VAL A 309 0.97 -9.74 -27.67
N LYS A 310 1.93 -10.17 -28.49
CA LYS A 310 1.94 -9.79 -29.92
C LYS A 310 0.68 -10.32 -30.64
N GLN A 311 0.03 -11.38 -30.13
CA GLN A 311 -1.17 -11.96 -30.78
C GLN A 311 -2.47 -11.32 -30.27
N LEU A 312 -2.41 -10.37 -29.34
CA LEU A 312 -3.62 -9.65 -28.87
C LEU A 312 -3.96 -8.54 -29.87
N LYS A 313 -4.33 -8.92 -31.10
CA LYS A 313 -4.52 -7.94 -32.22
C LYS A 313 -5.70 -7.02 -31.92
N TYR A 314 -6.84 -7.57 -31.50
CA TYR A 314 -8.05 -6.76 -31.27
C TYR A 314 -7.78 -5.85 -30.07
N VAL A 315 -7.08 -6.33 -29.06
CA VAL A 315 -6.73 -5.44 -27.92
C VAL A 315 -5.90 -4.27 -28.46
N GLY A 316 -4.95 -4.52 -29.36
CA GLY A 316 -4.17 -3.43 -30.00
C GLY A 316 -5.06 -2.43 -30.73
N MET A 317 -6.12 -2.92 -31.39
CA MET A 317 -7.07 -2.05 -32.13
C MET A 317 -7.88 -1.22 -31.13
N VAL A 318 -8.25 -1.81 -30.00
CA VAL A 318 -8.96 -1.09 -28.91
C VAL A 318 -8.07 0.05 -28.44
N LEU A 319 -6.78 -0.22 -28.24
CA LEU A 319 -5.87 0.85 -27.77
C LEU A 319 -5.76 1.95 -28.83
N ASN A 320 -5.62 1.59 -30.10
CA ASN A 320 -5.56 2.60 -31.18
C ASN A 320 -6.84 3.44 -31.20
N GLU A 321 -8.01 2.85 -30.99
CA GLU A 321 -9.28 3.59 -31.08
C GLU A 321 -9.43 4.50 -29.86
N ALA A 322 -8.88 4.14 -28.69
CA ALA A 322 -8.82 5.04 -27.53
C ALA A 322 -7.87 6.21 -27.83
N LEU A 323 -6.73 5.92 -28.47
CA LEU A 323 -5.78 6.98 -28.89
C LEU A 323 -6.43 7.89 -29.94
N ARG A 324 -7.33 7.35 -30.75
CA ARG A 324 -7.96 8.20 -31.78
C ARG A 324 -8.82 9.25 -31.05
N LEU A 325 -9.73 8.83 -30.19
CA LEU A 325 -10.69 9.78 -29.56
C LEU A 325 -10.01 10.65 -28.50
N TRP A 326 -9.16 10.07 -27.65
CA TRP A 326 -8.50 10.87 -26.59
C TRP A 326 -7.01 10.61 -26.54
N PRO A 327 -6.26 11.16 -27.53
CA PRO A 327 -4.80 11.00 -27.57
C PRO A 327 -4.26 11.68 -26.31
N THR A 328 -3.56 10.96 -25.43
N THR A 328 -3.52 10.90 -25.52
CA THR A 328 -3.25 11.48 -24.07
CA THR A 328 -3.09 11.25 -24.14
C THR A 328 -2.15 12.54 -24.13
C THR A 328 -2.18 12.47 -24.16
N ALA A 329 -1.34 12.60 -25.19
CA ALA A 329 -0.42 13.74 -25.42
C ALA A 329 -0.98 14.55 -26.57
N PRO A 330 -1.90 15.51 -26.31
CA PRO A 330 -2.83 15.94 -27.35
C PRO A 330 -2.39 17.00 -28.35
N ALA A 331 -1.17 17.50 -28.25
CA ALA A 331 -0.70 18.55 -29.18
C ALA A 331 0.80 18.42 -29.34
N PHE A 332 1.28 18.75 -30.53
CA PHE A 332 2.72 19.00 -30.75
C PHE A 332 2.88 20.21 -31.65
N SER A 333 4.07 20.77 -31.63
CA SER A 333 4.38 22.08 -32.23
C SER A 333 5.45 21.91 -33.30
N LEU A 334 5.35 22.73 -34.35
CA LEU A 334 6.27 22.69 -35.52
C LEU A 334 6.66 24.13 -35.87
N TYR A 335 7.80 24.30 -36.52
CA TYR A 335 8.16 25.61 -37.11
C TYR A 335 8.51 25.40 -38.57
N ALA A 336 8.24 26.41 -39.38
CA ALA A 336 8.59 26.42 -40.83
C ALA A 336 10.10 26.57 -40.99
N LYS A 337 10.75 25.62 -41.66
CA LYS A 337 12.21 25.67 -41.90
C LYS A 337 12.55 26.78 -42.89
N GLU A 338 11.63 27.09 -43.81
CA GLU A 338 11.77 28.13 -44.86
C GLU A 338 10.37 28.71 -45.14
N ASP A 339 10.32 29.85 -45.84
CA ASP A 339 9.03 30.38 -46.35
C ASP A 339 8.36 29.27 -47.15
N THR A 340 7.06 29.09 -47.00
CA THR A 340 6.30 28.01 -47.66
C THR A 340 4.82 28.36 -47.60
N VAL A 341 4.01 27.73 -48.45
CA VAL A 341 2.55 27.99 -48.47
C VAL A 341 1.85 26.72 -48.00
N LEU A 342 1.02 26.87 -46.97
CA LEU A 342 0.25 25.76 -46.40
C LEU A 342 -1.11 25.68 -47.12
N GLY A 343 -1.39 24.52 -47.73
CA GLY A 343 -2.70 24.17 -48.32
C GLY A 343 -3.06 25.05 -49.50
N GLY A 344 -2.06 25.62 -50.16
CA GLY A 344 -2.24 26.55 -51.30
C GLY A 344 -2.93 27.85 -50.89
N GLU A 345 -3.19 28.08 -49.59
CA GLU A 345 -4.03 29.22 -49.11
C GLU A 345 -3.32 30.06 -48.05
N TYR A 346 -2.44 29.49 -47.22
CA TYR A 346 -1.89 30.17 -46.03
C TYR A 346 -0.38 30.32 -46.14
N PRO A 347 0.13 31.48 -46.59
CA PRO A 347 1.58 31.70 -46.68
C PRO A 347 2.19 31.77 -45.28
N LEU A 348 3.33 31.10 -45.09
CA LEU A 348 4.09 31.17 -43.82
C LEU A 348 5.50 31.64 -44.13
N GLU A 349 6.10 32.37 -43.20
CA GLU A 349 7.52 32.79 -43.27
C GLU A 349 8.37 31.83 -42.43
N LYS A 350 9.65 31.73 -42.77
CA LYS A 350 10.66 30.93 -42.03
C LYS A 350 10.51 31.25 -40.54
N GLY A 351 10.40 30.22 -39.70
CA GLY A 351 10.33 30.40 -38.23
C GLY A 351 8.89 30.44 -37.72
N ASP A 352 7.90 30.61 -38.60
CA ASP A 352 6.46 30.64 -38.20
C ASP A 352 6.10 29.31 -37.52
N GLU A 353 5.33 29.39 -36.43
N GLU A 353 5.29 29.39 -36.47
CA GLU A 353 4.95 28.24 -35.57
CA GLU A 353 4.93 28.25 -35.60
C GLU A 353 3.54 27.72 -35.92
C GLU A 353 3.53 27.72 -35.91
N LEU A 354 3.37 26.40 -35.78
CA LEU A 354 2.10 25.66 -35.95
C LEU A 354 1.92 24.80 -34.70
N MET A 355 0.68 24.62 -34.28
CA MET A 355 0.31 23.61 -33.27
C MET A 355 -0.63 22.62 -33.95
N VAL A 356 -0.36 21.34 -33.77
CA VAL A 356 -1.25 20.25 -34.26
C VAL A 356 -2.15 19.84 -33.12
N LEU A 357 -3.46 20.03 -33.28
CA LEU A 357 -4.46 19.65 -32.26
C LEU A 357 -4.93 18.23 -32.55
N ILE A 358 -4.25 17.26 -31.95
CA ILE A 358 -4.41 15.83 -32.34
C ILE A 358 -5.87 15.38 -32.15
N PRO A 359 -6.56 15.70 -31.05
CA PRO A 359 -7.93 15.21 -30.90
C PRO A 359 -8.87 15.71 -32.00
N GLN A 360 -8.58 16.88 -32.58
CA GLN A 360 -9.39 17.43 -33.70
C GLN A 360 -9.06 16.73 -35.02
N LEU A 361 -7.77 16.50 -35.29
CA LEU A 361 -7.33 15.70 -36.45
C LEU A 361 -8.10 14.38 -36.47
N HIS A 362 -8.17 13.75 -35.30
CA HIS A 362 -8.76 12.41 -35.12
C HIS A 362 -10.28 12.44 -35.25
N ARG A 363 -10.89 13.63 -35.35
CA ARG A 363 -12.36 13.78 -35.56
C ARG A 363 -12.68 14.35 -36.95
N ASP A 364 -11.74 14.33 -37.87
CA ASP A 364 -11.94 14.85 -39.26
C ASP A 364 -12.91 13.90 -40.00
N LYS A 365 -14.13 14.34 -40.25
CA LYS A 365 -15.19 13.47 -40.80
C LYS A 365 -14.86 13.07 -42.23
N THR A 366 -14.02 13.85 -42.92
CA THR A 366 -13.65 13.56 -44.32
C THR A 366 -12.76 12.32 -44.35
N ILE A 367 -12.16 11.97 -43.20
CA ILE A 367 -11.28 10.78 -43.03
C ILE A 367 -12.10 9.60 -42.48
N TRP A 368 -12.81 9.80 -41.38
CA TRP A 368 -13.33 8.67 -40.56
C TRP A 368 -14.82 8.42 -40.84
N GLY A 369 -15.49 9.32 -41.57
CA GLY A 369 -16.93 9.23 -41.86
C GLY A 369 -17.76 9.86 -40.75
N ASP A 370 -19.08 9.79 -40.88
CA ASP A 370 -20.02 10.52 -39.99
C ASP A 370 -20.06 9.92 -38.59
N ASP A 371 -19.63 8.67 -38.42
CA ASP A 371 -19.66 7.94 -37.11
C ASP A 371 -18.43 8.26 -36.26
N VAL A 372 -17.85 9.47 -36.41
CA VAL A 372 -16.48 9.81 -35.90
C VAL A 372 -16.46 9.76 -34.37
N GLU A 373 -17.60 9.98 -33.71
CA GLU A 373 -17.63 10.00 -32.22
C GLU A 373 -17.84 8.57 -31.69
N GLU A 374 -18.11 7.59 -32.54
CA GLU A 374 -18.35 6.19 -32.11
C GLU A 374 -17.01 5.48 -31.84
N PHE A 375 -17.01 4.59 -30.86
CA PHE A 375 -15.85 3.77 -30.49
C PHE A 375 -15.91 2.47 -31.28
N ARG A 376 -15.11 2.38 -32.35
CA ARG A 376 -15.17 1.25 -33.29
C ARG A 376 -13.76 0.82 -33.65
N PRO A 377 -13.16 -0.09 -32.86
CA PRO A 377 -11.77 -0.52 -33.09
C PRO A 377 -11.52 -1.10 -34.49
N GLU A 378 -12.57 -1.63 -35.11
CA GLU A 378 -12.50 -2.26 -36.45
C GLU A 378 -12.01 -1.24 -37.50
N ARG A 379 -12.09 0.07 -37.23
CA ARG A 379 -11.51 1.14 -38.09
C ARG A 379 -10.05 0.82 -38.38
N PHE A 380 -9.36 0.10 -37.48
CA PHE A 380 -7.89 -0.11 -37.57
C PHE A 380 -7.55 -1.49 -38.17
N GLU A 381 -8.51 -2.19 -38.75
CA GLU A 381 -8.23 -3.55 -39.29
CA GLU A 381 -8.26 -3.55 -39.32
C GLU A 381 -7.19 -3.50 -40.42
N ASN A 382 -7.18 -2.43 -41.20
CA ASN A 382 -6.27 -2.32 -42.37
C ASN A 382 -5.60 -0.96 -42.41
N PRO A 383 -4.33 -0.84 -41.95
CA PRO A 383 -3.63 0.45 -41.99
C PRO A 383 -3.53 1.04 -43.42
N SER A 384 -3.58 0.20 -44.46
CA SER A 384 -3.49 0.69 -45.86
C SER A 384 -4.78 1.43 -46.27
N ALA A 385 -5.86 1.25 -45.52
CA ALA A 385 -7.16 1.91 -45.82
C ALA A 385 -7.26 3.24 -45.05
N ILE A 386 -6.25 3.59 -44.26
CA ILE A 386 -6.24 4.89 -43.51
C ILE A 386 -5.37 5.89 -44.24
N PRO A 387 -5.91 7.07 -44.58
CA PRO A 387 -5.13 8.08 -45.28
C PRO A 387 -3.84 8.45 -44.54
N GLN A 388 -2.85 8.90 -45.32
CA GLN A 388 -1.57 9.38 -44.74
C GLN A 388 -1.83 10.47 -43.70
N HIS A 389 -1.13 10.38 -42.56
CA HIS A 389 -1.07 11.40 -41.50
C HIS A 389 -2.45 11.64 -40.89
N ALA A 390 -3.35 10.66 -41.00
CA ALA A 390 -4.69 10.79 -40.37
C ALA A 390 -4.61 10.54 -38.86
N PHE A 391 -3.61 9.79 -38.40
CA PHE A 391 -3.58 9.20 -37.04
C PHE A 391 -2.19 9.45 -36.47
N LYS A 392 -2.08 10.39 -35.53
CA LYS A 392 -0.75 10.89 -35.07
C LYS A 392 -0.64 10.92 -33.54
N PRO A 393 -1.10 9.91 -32.78
CA PRO A 393 -1.04 10.01 -31.33
C PRO A 393 0.39 9.96 -30.77
N PHE A 394 1.35 9.50 -31.58
CA PHE A 394 2.78 9.43 -31.16
C PHE A 394 3.61 10.47 -31.91
N GLY A 395 3.00 11.52 -32.45
CA GLY A 395 3.77 12.59 -33.08
C GLY A 395 4.21 12.19 -34.48
N ASN A 396 5.28 12.82 -34.95
CA ASN A 396 5.62 12.76 -36.39
C ASN A 396 7.13 12.55 -36.62
N GLY A 397 7.44 11.65 -37.55
CA GLY A 397 8.78 11.58 -38.16
C GLY A 397 9.87 11.24 -37.16
N GLN A 398 11.06 11.80 -37.35
CA GLN A 398 12.21 11.48 -36.45
C GLN A 398 11.97 11.98 -35.02
N ARG A 399 11.05 12.92 -34.83
CA ARG A 399 10.71 13.44 -33.48
C ARG A 399 9.43 12.79 -32.96
N ALA A 400 9.04 11.63 -33.51
CA ALA A 400 7.94 10.84 -32.96
C ALA A 400 8.38 10.23 -31.62
N CYS A 401 7.40 9.73 -30.89
CA CYS A 401 7.60 9.10 -29.58
C CYS A 401 8.60 7.94 -29.65
N ILE A 402 9.71 8.03 -28.92
CA ILE A 402 10.66 6.88 -28.83
C ILE A 402 10.06 5.75 -27.99
N GLY A 403 9.10 6.06 -27.12
CA GLY A 403 8.48 5.11 -26.19
C GLY A 403 7.30 4.33 -26.78
N GLN A 404 6.99 4.49 -28.05
CA GLN A 404 5.73 3.96 -28.63
C GLN A 404 5.64 2.43 -28.43
N GLN A 405 6.71 1.69 -28.71
CA GLN A 405 6.66 0.22 -28.61
C GLN A 405 6.50 -0.16 -27.13
N PHE A 406 7.20 0.55 -26.25
CA PHE A 406 7.18 0.32 -24.78
C PHE A 406 5.74 0.52 -24.26
N ALA A 407 5.14 1.66 -24.58
CA ALA A 407 3.79 2.03 -24.14
C ALA A 407 2.78 1.00 -24.65
N LEU A 408 2.84 0.66 -25.93
CA LEU A 408 1.84 -0.28 -26.50
C LEU A 408 2.05 -1.70 -25.99
N HIS A 409 3.30 -2.13 -25.73
CA HIS A 409 3.53 -3.47 -25.16
C HIS A 409 2.94 -3.53 -23.75
N GLU A 410 3.28 -2.56 -22.90
CA GLU A 410 2.77 -2.53 -21.51
C GLU A 410 1.24 -2.47 -21.55
N ALA A 411 0.67 -1.59 -22.36
CA ALA A 411 -0.79 -1.37 -22.32
C ALA A 411 -1.49 -2.63 -22.84
N THR A 412 -0.95 -3.27 -23.87
CA THR A 412 -1.58 -4.49 -24.44
C THR A 412 -1.53 -5.63 -23.40
N LEU A 413 -0.39 -5.81 -22.75
CA LEU A 413 -0.19 -6.86 -21.72
C LEU A 413 -1.23 -6.66 -20.60
N VAL A 414 -1.29 -5.45 -20.06
CA VAL A 414 -2.11 -5.17 -18.86
C VAL A 414 -3.58 -5.27 -19.24
N LEU A 415 -3.99 -4.65 -20.34
CA LEU A 415 -5.42 -4.69 -20.72
C LEU A 415 -5.82 -6.15 -21.04
N GLY A 416 -4.94 -6.93 -21.70
CA GLY A 416 -5.21 -8.35 -21.94
C GLY A 416 -5.44 -9.09 -20.62
N MET A 417 -4.57 -8.88 -19.64
CA MET A 417 -4.70 -9.56 -18.33
C MET A 417 -5.96 -9.07 -17.60
N MET A 418 -6.30 -7.79 -17.67
CA MET A 418 -7.53 -7.27 -17.02
C MET A 418 -8.74 -7.95 -17.64
N LEU A 419 -8.76 -8.10 -18.97
CA LEU A 419 -9.93 -8.68 -19.68
C LEU A 419 -10.02 -10.19 -19.45
N LYS A 420 -8.89 -10.85 -19.27
CA LYS A 420 -8.86 -12.29 -18.93
C LYS A 420 -9.43 -12.54 -17.53
N HIS A 421 -9.10 -11.68 -16.55
CA HIS A 421 -9.27 -12.03 -15.12
C HIS A 421 -10.56 -11.48 -14.51
N PHE A 422 -11.20 -10.48 -15.13
CA PHE A 422 -12.35 -9.77 -14.53
C PHE A 422 -13.44 -9.43 -15.55
N ASP A 423 -14.67 -9.39 -15.03
CA ASP A 423 -15.81 -8.69 -15.66
C ASP A 423 -15.87 -7.29 -15.00
N PHE A 424 -16.27 -6.28 -15.75
CA PHE A 424 -16.28 -4.87 -15.29
C PHE A 424 -17.70 -4.33 -15.30
N GLU A 425 -17.99 -3.47 -14.32
CA GLU A 425 -19.29 -2.78 -14.19
C GLU A 425 -19.03 -1.28 -14.06
N ASP A 426 -19.68 -0.49 -14.90
CA ASP A 426 -19.75 1.00 -14.79
C ASP A 426 -20.83 1.32 -13.76
N HIS A 427 -20.55 1.06 -12.49
CA HIS A 427 -21.58 1.03 -11.40
C HIS A 427 -22.13 2.43 -11.10
N THR A 428 -21.42 3.51 -11.46
CA THR A 428 -21.86 4.91 -11.21
C THR A 428 -22.41 5.55 -12.49
N ASN A 429 -22.43 4.86 -13.63
CA ASN A 429 -22.74 5.49 -14.95
C ASN A 429 -21.87 6.75 -15.08
N TYR A 430 -20.56 6.55 -14.97
CA TYR A 430 -19.55 7.63 -14.92
C TYR A 430 -19.72 8.59 -16.10
N GLU A 431 -19.73 9.89 -15.80
CA GLU A 431 -19.75 10.99 -16.79
C GLU A 431 -18.31 11.46 -17.02
N LEU A 432 -17.82 11.31 -18.25
CA LEU A 432 -16.42 11.64 -18.59
C LEU A 432 -16.10 13.10 -18.19
N ASP A 433 -15.03 13.23 -17.41
CA ASP A 433 -14.48 14.52 -16.92
C ASP A 433 -12.97 14.42 -17.14
N ILE A 434 -12.44 15.17 -18.09
CA ILE A 434 -11.03 15.00 -18.53
C ILE A 434 -10.19 16.07 -17.86
N LYS A 435 -9.30 15.62 -16.96
CA LYS A 435 -8.31 16.49 -16.28
C LYS A 435 -7.10 16.66 -17.21
N GLU A 436 -6.56 17.88 -17.28
CA GLU A 436 -5.38 18.22 -18.12
C GLU A 436 -4.17 18.54 -17.26
N THR A 437 -3.06 17.84 -17.50
CA THR A 437 -1.70 18.17 -17.02
C THR A 437 -0.92 18.45 -18.29
N LEU A 438 0.28 17.88 -18.45
N LEU A 438 0.27 17.88 -18.42
CA LEU A 438 0.93 17.79 -19.78
CA LEU A 438 0.95 17.74 -19.74
C LEU A 438 0.05 16.88 -20.65
C LEU A 438 0.06 16.87 -20.63
N THR A 439 -0.78 16.04 -20.02
CA THR A 439 -1.55 14.97 -20.72
C THR A 439 -3.00 14.97 -20.25
N LEU A 440 -3.79 14.07 -20.83
CA LEU A 440 -5.22 13.93 -20.52
C LEU A 440 -5.47 12.66 -19.73
N LYS A 441 -6.38 12.71 -18.75
CA LYS A 441 -6.81 11.52 -17.99
C LYS A 441 -8.26 11.69 -17.56
N PRO A 442 -9.03 10.60 -17.49
CA PRO A 442 -10.42 10.66 -17.00
C PRO A 442 -10.61 10.69 -15.48
N GLU A 443 -10.70 11.90 -14.95
CA GLU A 443 -10.74 12.15 -13.49
C GLU A 443 -11.99 11.50 -12.88
N GLY A 444 -11.80 10.77 -11.78
CA GLY A 444 -12.93 10.23 -10.99
C GLY A 444 -13.51 8.97 -11.61
N PHE A 445 -12.90 8.44 -12.66
CA PHE A 445 -13.37 7.20 -13.31
C PHE A 445 -13.19 6.03 -12.34
N VAL A 446 -14.31 5.40 -12.00
CA VAL A 446 -14.36 4.24 -11.07
C VAL A 446 -15.17 3.13 -11.73
N VAL A 447 -14.78 1.90 -11.43
CA VAL A 447 -15.50 0.68 -11.87
C VAL A 447 -15.50 -0.33 -10.71
N LYS A 448 -16.38 -1.30 -10.82
CA LYS A 448 -16.31 -2.55 -10.02
C LYS A 448 -15.85 -3.67 -10.93
N ALA A 449 -15.00 -4.54 -10.38
CA ALA A 449 -14.46 -5.71 -11.09
C ALA A 449 -14.95 -6.96 -10.34
N LYS A 450 -15.48 -7.92 -11.09
CA LYS A 450 -15.94 -9.21 -10.54
C LYS A 450 -14.98 -10.27 -11.09
N SER A 451 -14.25 -10.92 -10.20
CA SER A 451 -13.22 -11.92 -10.58
C SER A 451 -13.88 -13.05 -11.37
N LYS A 452 -13.24 -13.48 -12.44
CA LYS A 452 -13.59 -14.74 -13.15
C LYS A 452 -12.95 -15.94 -12.41
N LYS A 453 -12.20 -15.67 -11.33
CA LYS A 453 -11.53 -16.69 -10.45
C LYS A 453 -10.62 -17.60 -11.29
N ILE A 454 -9.79 -16.99 -12.12
CA ILE A 454 -8.75 -17.70 -12.91
C ILE A 454 -7.42 -17.48 -12.22
N PRO A 455 -6.76 -18.57 -11.74
CA PRO A 455 -5.51 -18.44 -11.01
C PRO A 455 -4.41 -17.81 -11.85
N LEU A 456 -3.50 -17.08 -11.19
CA LEU A 456 -2.18 -16.66 -11.72
C LEU A 456 -1.15 -17.76 -11.40
N ILE B 3 1.05 -14.83 60.09
CA ILE B 3 0.54 -13.70 59.25
C ILE B 3 1.64 -12.64 59.13
N LYS B 4 1.81 -12.08 57.93
CA LYS B 4 2.88 -11.14 57.55
C LYS B 4 2.23 -9.86 57.01
N GLU B 5 2.84 -8.70 57.24
CA GLU B 5 2.37 -7.40 56.69
C GLU B 5 3.00 -7.18 55.31
N MET B 6 2.18 -6.79 54.37
CA MET B 6 2.57 -6.65 52.96
C MET B 6 3.27 -5.33 52.73
N PRO B 7 4.39 -5.25 51.97
CA PRO B 7 4.90 -3.93 51.58
C PRO B 7 3.98 -3.22 50.57
N GLN B 8 4.21 -1.91 50.47
CA GLN B 8 3.40 -0.99 49.65
C GLN B 8 4.35 0.10 49.14
N PRO B 9 4.25 0.47 47.86
CA PRO B 9 5.10 1.53 47.34
C PRO B 9 4.65 2.91 47.81
N LYS B 10 5.40 3.93 47.39
CA LYS B 10 5.25 5.31 47.91
C LYS B 10 3.85 5.86 47.61
N THR B 11 3.36 6.68 48.54
CA THR B 11 2.01 7.28 48.50
C THR B 11 2.06 8.79 48.27
N PHE B 12 0.88 9.30 47.88
CA PHE B 12 0.63 10.69 47.45
C PHE B 12 -0.58 11.20 48.23
N GLY B 13 -0.54 11.12 49.56
CA GLY B 13 -1.66 11.58 50.41
C GLY B 13 -2.94 10.87 50.03
N GLU B 14 -4.03 11.62 49.83
CA GLU B 14 -5.36 11.01 49.61
C GLU B 14 -5.42 10.30 48.25
N LEU B 15 -4.45 10.49 47.35
CA LEU B 15 -4.44 9.76 46.06
C LEU B 15 -3.78 8.38 46.25
N LYS B 16 -3.23 8.12 47.43
CA LYS B 16 -2.61 6.82 47.77
C LYS B 16 -1.55 6.48 46.70
N ASN B 17 -1.62 5.33 46.03
CA ASN B 17 -0.58 4.95 45.03
C ASN B 17 -1.00 5.35 43.61
N LEU B 18 -2.19 5.94 43.41
CA LEU B 18 -2.70 6.15 42.04
C LEU B 18 -1.71 6.91 41.15
N PRO B 19 -1.00 7.98 41.62
CA PRO B 19 -0.09 8.70 40.72
C PRO B 19 1.10 7.89 40.20
N LEU B 20 1.39 6.71 40.76
CA LEU B 20 2.43 5.82 40.18
C LEU B 20 2.00 5.32 38.80
N LEU B 21 0.71 5.37 38.49
CA LEU B 21 0.21 4.99 37.15
C LEU B 21 0.20 6.18 36.19
N ASN B 22 0.62 7.38 36.61
CA ASN B 22 0.65 8.58 35.75
C ASN B 22 1.94 8.52 34.93
N THR B 23 2.02 7.56 34.01
CA THR B 23 3.19 7.23 33.17
C THR B 23 2.66 6.54 31.91
N ASP B 24 3.33 6.67 30.77
CA ASP B 24 2.96 5.91 29.54
CA ASP B 24 2.93 5.92 29.55
C ASP B 24 3.44 4.47 29.65
N LYS B 25 4.21 4.11 30.71
CA LYS B 25 4.76 2.73 30.86
C LYS B 25 4.44 2.15 32.23
N PRO B 26 3.15 1.94 32.54
CA PRO B 26 2.75 1.48 33.87
C PRO B 26 3.21 0.06 34.24
N VAL B 27 3.21 -0.88 33.29
CA VAL B 27 3.65 -2.26 33.58
C VAL B 27 5.13 -2.23 33.95
N GLN B 28 5.93 -1.48 33.19
CA GLN B 28 7.38 -1.38 33.47
C GLN B 28 7.57 -0.72 34.85
N ALA B 29 6.75 0.25 35.22
CA ALA B 29 6.85 0.89 36.56
C ALA B 29 6.51 -0.15 37.64
N LEU B 30 5.46 -0.94 37.44
CA LEU B 30 5.08 -1.99 38.41
C LEU B 30 6.18 -3.07 38.49
N MET B 31 6.86 -3.39 37.39
CA MET B 31 7.98 -4.37 37.45
C MET B 31 9.10 -3.81 38.34
N LYS B 32 9.41 -2.54 38.22
CA LYS B 32 10.49 -1.92 39.03
C LYS B 32 10.06 -1.93 40.50
N ILE B 33 8.79 -1.64 40.80
CA ILE B 33 8.28 -1.75 42.20
C ILE B 33 8.44 -3.20 42.69
N ALA B 34 8.06 -4.18 41.88
CA ALA B 34 8.21 -5.60 42.28
C ALA B 34 9.68 -5.91 42.57
N ASP B 35 10.60 -5.40 41.75
CA ASP B 35 12.05 -5.65 41.97
C ASP B 35 12.48 -5.10 43.34
N GLU B 36 11.90 -3.96 43.76
CA GLU B 36 12.21 -3.27 45.04
C GLU B 36 11.55 -4.00 46.21
N LEU B 37 10.28 -4.40 46.08
CA LEU B 37 9.44 -4.83 47.23
C LEU B 37 9.30 -6.35 47.33
N GLY B 38 9.50 -7.10 46.24
CA GLY B 38 9.49 -8.57 46.29
C GLY B 38 8.20 -9.18 45.76
N GLU B 39 7.88 -10.38 46.26
CA GLU B 39 6.91 -11.28 45.61
C GLU B 39 5.48 -10.76 45.73
N ILE B 40 5.20 -9.84 46.65
CA ILE B 40 3.83 -9.32 46.83
C ILE B 40 3.89 -7.88 47.32
N PHE B 41 3.08 -7.02 46.74
CA PHE B 41 2.87 -5.68 47.33
C PHE B 41 1.43 -5.23 47.16
N LYS B 42 0.99 -4.42 48.12
CA LYS B 42 -0.34 -3.78 48.14
C LYS B 42 -0.27 -2.52 47.26
N PHE B 43 -1.34 -2.27 46.52
CA PHE B 43 -1.47 -1.07 45.68
C PHE B 43 -2.87 -0.51 45.90
N GLU B 44 -2.93 0.74 46.37
CA GLU B 44 -4.20 1.38 46.76
C GLU B 44 -4.46 2.60 45.85
N ALA B 45 -5.71 2.80 45.46
CA ALA B 45 -6.20 4.06 44.86
C ALA B 45 -7.45 4.45 45.63
N PRO B 46 -7.98 5.67 45.47
CA PRO B 46 -9.25 5.99 46.10
C PRO B 46 -10.30 4.92 45.74
N GLY B 47 -10.81 4.23 46.75
CA GLY B 47 -11.91 3.26 46.61
C GLY B 47 -11.47 1.93 46.03
N ARG B 48 -10.16 1.64 45.97
CA ARG B 48 -9.62 0.43 45.30
C ARG B 48 -8.40 -0.09 46.05
N VAL B 49 -8.32 -1.40 46.24
N VAL B 49 -8.34 -1.40 46.25
CA VAL B 49 -7.07 -2.08 46.68
CA VAL B 49 -7.13 -2.14 46.73
C VAL B 49 -6.87 -3.33 45.84
C VAL B 49 -6.88 -3.35 45.82
N THR B 50 -5.63 -3.55 45.41
CA THR B 50 -5.22 -4.79 44.74
C THR B 50 -3.87 -5.18 45.32
N ARG B 51 -3.49 -6.40 45.03
CA ARG B 51 -2.19 -6.94 45.45
C ARG B 51 -1.48 -7.52 44.24
N TYR B 52 -0.25 -7.08 43.99
CA TYR B 52 0.54 -7.49 42.81
C TYR B 52 1.46 -8.65 43.21
N LEU B 53 1.32 -9.78 42.50
CA LEU B 53 2.08 -11.03 42.76
C LEU B 53 3.16 -11.22 41.70
N SER B 54 4.36 -11.62 42.12
CA SER B 54 5.52 -11.77 41.21
C SER B 54 6.22 -13.14 41.33
N SER B 55 5.97 -13.92 42.37
CA SER B 55 6.69 -15.20 42.60
C SER B 55 5.83 -16.37 42.11
N GLN B 56 6.49 -17.40 41.61
CA GLN B 56 5.80 -18.66 41.26
C GLN B 56 5.15 -19.25 42.52
N ARG B 57 5.79 -19.11 43.70
CA ARG B 57 5.27 -19.64 44.98
C ARG B 57 3.84 -19.13 45.21
N LEU B 58 3.60 -17.84 45.01
CA LEU B 58 2.25 -17.27 45.28
C LEU B 58 1.35 -17.40 44.05
N ILE B 59 1.90 -17.26 42.85
CA ILE B 59 1.07 -17.33 41.63
C ILE B 59 0.50 -18.73 41.45
N LYS B 60 1.22 -19.79 41.83
CA LYS B 60 0.66 -21.15 41.68
C LYS B 60 -0.62 -21.27 42.53
N GLU B 61 -0.67 -20.61 43.69
CA GLU B 61 -1.89 -20.64 44.54
C GLU B 61 -2.99 -19.81 43.88
N ALA B 62 -2.66 -18.64 43.36
CA ALA B 62 -3.62 -17.74 42.69
C ALA B 62 -4.27 -18.46 41.50
N CYS B 63 -3.54 -19.39 40.90
CA CYS B 63 -3.99 -20.11 39.69
C CYS B 63 -4.85 -21.33 40.07
N ASP B 64 -5.10 -21.56 41.36
CA ASP B 64 -6.03 -22.62 41.82
C ASP B 64 -7.47 -22.14 41.59
N GLU B 65 -8.15 -22.70 40.59
CA GLU B 65 -9.50 -22.24 40.18
C GLU B 65 -10.55 -22.56 41.26
N SER B 66 -10.26 -23.44 42.23
CA SER B 66 -11.19 -23.69 43.36
C SER B 66 -11.15 -22.49 44.32
N ARG B 67 -10.09 -21.69 44.29
CA ARG B 67 -9.88 -20.58 45.27
C ARG B 67 -10.05 -19.21 44.62
N PHE B 68 -9.73 -19.05 43.34
CA PHE B 68 -9.70 -17.73 42.68
C PHE B 68 -10.31 -17.86 41.28
N ASP B 69 -11.04 -16.84 40.87
CA ASP B 69 -11.64 -16.72 39.52
C ASP B 69 -11.14 -15.44 38.87
N LYS B 70 -11.29 -15.36 37.55
CA LYS B 70 -10.92 -14.15 36.78
C LYS B 70 -11.70 -12.94 37.28
N ASN B 71 -10.95 -11.85 37.50
CA ASN B 71 -11.50 -10.52 37.82
C ASN B 71 -11.35 -9.63 36.60
N LEU B 72 -12.29 -8.71 36.42
CA LEU B 72 -12.11 -7.60 35.47
C LEU B 72 -11.40 -6.48 36.22
N SER B 73 -10.13 -6.23 35.87
CA SER B 73 -9.35 -5.08 36.32
C SER B 73 -10.04 -3.79 35.85
N GLN B 74 -9.61 -2.65 36.37
CA GLN B 74 -10.22 -1.37 35.93
C GLN B 74 -10.04 -1.25 34.41
N ALA B 75 -8.89 -1.66 33.86
CA ALA B 75 -8.65 -1.58 32.40
C ALA B 75 -9.68 -2.42 31.66
N LEU B 76 -9.94 -3.64 32.12
CA LEU B 76 -10.91 -4.53 31.43
C LEU B 76 -12.33 -3.95 31.57
N LYS B 77 -12.68 -3.31 32.69
CA LYS B 77 -14.02 -2.70 32.83
C LYS B 77 -14.16 -1.59 31.80
N PHE B 78 -13.09 -0.83 31.56
CA PHE B 78 -13.15 0.25 30.52
C PHE B 78 -13.20 -0.37 29.12
N VAL B 79 -12.46 -1.45 28.85
CA VAL B 79 -12.54 -2.13 27.52
C VAL B 79 -13.93 -2.73 27.31
N ARG B 80 -14.57 -3.20 28.38
CA ARG B 80 -15.94 -3.80 28.31
C ARG B 80 -16.93 -2.77 27.72
N ASP B 81 -16.66 -1.47 27.84
CA ASP B 81 -17.54 -0.44 27.24
C ASP B 81 -17.67 -0.66 25.72
N PHE B 82 -16.70 -1.31 25.07
CA PHE B 82 -16.83 -1.63 23.63
C PHE B 82 -16.70 -3.13 23.33
N ALA B 83 -16.09 -3.96 24.20
CA ALA B 83 -15.99 -5.42 23.95
C ALA B 83 -17.11 -6.19 24.65
N GLY B 84 -17.94 -5.50 25.41
CA GLY B 84 -19.17 -6.07 26.01
C GLY B 84 -18.96 -7.37 26.74
N ASP B 85 -19.87 -8.32 26.55
CA ASP B 85 -19.74 -9.66 27.17
C ASP B 85 -19.18 -10.64 26.14
N GLY B 86 -18.26 -10.17 25.30
CA GLY B 86 -17.36 -11.08 24.58
C GLY B 86 -16.54 -11.91 25.55
N LEU B 87 -15.80 -12.88 25.03
CA LEU B 87 -15.12 -13.86 25.91
C LEU B 87 -14.14 -13.16 26.87
N PHE B 88 -13.41 -12.14 26.41
CA PHE B 88 -12.29 -11.56 27.19
C PHE B 88 -12.81 -10.66 28.32
N THR B 89 -13.94 -9.99 28.14
CA THR B 89 -14.45 -8.98 29.10
C THR B 89 -15.71 -9.47 29.82
N SER B 90 -16.04 -10.75 29.73
N SER B 90 -16.03 -10.76 29.73
CA SER B 90 -17.16 -11.35 30.49
CA SER B 90 -17.13 -11.42 30.46
C SER B 90 -16.65 -11.95 31.81
C SER B 90 -16.64 -11.95 31.81
N TRP B 91 -17.52 -11.94 32.80
CA TRP B 91 -17.32 -12.68 34.07
C TRP B 91 -17.64 -14.16 33.79
N THR B 92 -16.99 -15.04 34.53
CA THR B 92 -17.13 -16.51 34.35
C THR B 92 -18.58 -16.91 34.60
N HIS B 93 -19.27 -16.19 35.47
CA HIS B 93 -20.65 -16.50 35.90
C HIS B 93 -21.72 -15.95 34.95
N GLU B 94 -21.36 -15.11 33.97
CA GLU B 94 -22.35 -14.61 32.99
C GLU B 94 -22.68 -15.72 32.01
N LYS B 95 -23.96 -15.91 31.72
CA LYS B 95 -24.44 -16.97 30.81
C LYS B 95 -23.61 -16.96 29.51
N ASN B 96 -23.37 -15.79 28.94
CA ASN B 96 -22.73 -15.70 27.61
C ASN B 96 -21.26 -16.13 27.68
N TRP B 97 -20.60 -16.18 28.85
CA TRP B 97 -19.18 -16.66 28.87
C TRP B 97 -19.16 -18.14 28.50
N LYS B 98 -19.81 -19.01 29.28
CA LYS B 98 -19.67 -20.47 29.06
C LYS B 98 -20.31 -20.83 27.71
N LYS B 99 -21.40 -20.16 27.34
CA LYS B 99 -22.06 -20.46 26.05
C LYS B 99 -21.08 -20.19 24.89
N ALA B 100 -20.47 -19.01 24.86
CA ALA B 100 -19.54 -18.65 23.77
C ALA B 100 -18.30 -19.55 23.84
N HIS B 101 -17.82 -19.86 25.04
CA HIS B 101 -16.63 -20.72 25.23
C HIS B 101 -16.89 -22.09 24.60
N ASN B 102 -18.03 -22.68 24.93
CA ASN B 102 -18.37 -24.02 24.39
C ASN B 102 -18.51 -23.96 22.87
N ILE B 103 -19.12 -22.91 22.33
CA ILE B 103 -19.36 -22.77 20.86
C ILE B 103 -18.02 -22.58 20.14
N LEU B 104 -17.13 -21.75 20.70
CA LEU B 104 -15.91 -21.34 19.98
C LEU B 104 -14.72 -22.27 20.22
N LEU B 105 -14.68 -23.07 21.30
CA LEU B 105 -13.48 -23.88 21.58
C LEU B 105 -13.09 -24.72 20.35
N PRO B 106 -14.02 -25.39 19.64
CA PRO B 106 -13.60 -26.18 18.49
C PRO B 106 -13.03 -25.37 17.31
N SER B 107 -13.39 -24.09 17.20
CA SER B 107 -12.90 -23.17 16.15
C SER B 107 -11.44 -22.80 16.39
N PHE B 108 -10.93 -23.06 17.59
CA PHE B 108 -9.60 -22.55 18.05
C PHE B 108 -8.66 -23.70 18.39
N SER B 109 -9.07 -24.93 18.13
CA SER B 109 -8.27 -26.12 18.50
C SER B 109 -7.07 -26.25 17.57
N GLN B 110 -6.09 -27.04 18.00
CA GLN B 110 -4.94 -27.34 17.12
C GLN B 110 -5.47 -27.90 15.80
N GLN B 111 -6.47 -28.79 15.82
CA GLN B 111 -7.02 -29.40 14.59
C GLN B 111 -7.59 -28.29 13.69
N ALA B 112 -8.28 -27.27 14.24
CA ALA B 112 -8.88 -26.17 13.44
C ALA B 112 -7.78 -25.41 12.69
N MET B 113 -6.55 -25.39 13.20
CA MET B 113 -5.46 -24.65 12.53
C MET B 113 -5.22 -25.21 11.12
N LYS B 114 -5.50 -26.49 10.86
CA LYS B 114 -5.32 -27.06 9.51
C LYS B 114 -6.16 -26.28 8.50
N GLY B 115 -7.37 -25.85 8.90
CA GLY B 115 -8.31 -25.11 8.03
C GLY B 115 -7.92 -23.66 7.83
N TYR B 116 -7.32 -23.00 8.83
CA TYR B 116 -6.91 -21.58 8.73
C TYR B 116 -5.57 -21.43 8.01
N HIS B 117 -4.79 -22.52 7.92
CA HIS B 117 -3.39 -22.45 7.43
C HIS B 117 -3.33 -21.73 6.08
N ALA B 118 -4.17 -22.11 5.11
CA ALA B 118 -4.09 -21.54 3.75
C ALA B 118 -4.25 -20.01 3.79
N MET B 119 -5.18 -19.51 4.60
N MET B 119 -5.15 -19.46 4.60
CA MET B 119 -5.42 -18.04 4.77
CA MET B 119 -5.30 -17.98 4.60
C MET B 119 -4.18 -17.39 5.40
C MET B 119 -4.18 -17.33 5.42
N MET B 120 -3.60 -18.02 6.43
CA MET B 120 -2.41 -17.47 7.11
C MET B 120 -1.27 -17.39 6.08
N VAL B 121 -1.10 -18.42 5.24
CA VAL B 121 -0.01 -18.44 4.24
C VAL B 121 -0.22 -17.29 3.23
N ASP B 122 -1.47 -17.02 2.84
CA ASP B 122 -1.78 -15.92 1.88
C ASP B 122 -1.17 -14.61 2.41
N ILE B 123 -1.42 -14.31 3.67
CA ILE B 123 -0.94 -13.02 4.27
C ILE B 123 0.59 -13.11 4.47
N ALA B 124 1.13 -14.25 4.92
CA ALA B 124 2.58 -14.37 5.16
C ALA B 124 3.33 -14.16 3.84
N VAL B 125 2.81 -14.68 2.75
CA VAL B 125 3.45 -14.50 1.42
C VAL B 125 3.42 -13.02 1.03
N GLN B 126 2.35 -12.30 1.34
CA GLN B 126 2.31 -10.83 1.10
C GLN B 126 3.43 -10.13 1.88
N LEU B 127 3.70 -10.54 3.12
CA LEU B 127 4.77 -9.90 3.91
C LEU B 127 6.11 -10.18 3.23
N VAL B 128 6.37 -11.43 2.89
CA VAL B 128 7.66 -11.81 2.27
C VAL B 128 7.83 -11.03 0.96
N GLN B 129 6.80 -10.96 0.13
CA GLN B 129 6.91 -10.21 -1.15
C GLN B 129 7.19 -8.73 -0.86
N LYS B 130 6.53 -8.14 0.14
CA LYS B 130 6.82 -6.71 0.45
C LYS B 130 8.32 -6.54 0.71
N TRP B 131 8.89 -7.38 1.55
CA TRP B 131 10.31 -7.23 1.93
C TRP B 131 11.22 -7.56 0.74
N GLU B 132 10.85 -8.53 -0.10
CA GLU B 132 11.64 -8.86 -1.32
C GLU B 132 11.71 -7.64 -2.25
N ARG B 133 10.68 -6.79 -2.22
CA ARG B 133 10.51 -5.66 -3.16
C ARG B 133 11.11 -4.36 -2.60
N LEU B 134 11.64 -4.35 -1.39
CA LEU B 134 12.30 -3.13 -0.90
C LEU B 134 13.60 -2.89 -1.68
N ASN B 135 13.92 -1.61 -1.85
CA ASN B 135 15.22 -1.19 -2.44
C ASN B 135 16.33 -1.30 -1.40
N ALA B 136 17.59 -1.32 -1.84
CA ALA B 136 18.77 -1.53 -0.98
C ALA B 136 18.84 -0.45 0.13
N ASP B 137 18.41 0.78 -0.13
CA ASP B 137 18.57 1.91 0.82
C ASP B 137 17.45 1.91 1.88
N GLU B 138 16.54 0.95 1.83
CA GLU B 138 15.30 1.01 2.65
C GLU B 138 15.46 0.12 3.88
N HIS B 139 14.62 0.36 4.88
CA HIS B 139 14.54 -0.52 6.06
C HIS B 139 13.10 -0.97 6.29
N ILE B 140 12.95 -1.87 7.25
CA ILE B 140 11.66 -2.43 7.73
C ILE B 140 11.28 -1.78 9.05
N GLU B 141 10.04 -1.31 9.14
CA GLU B 141 9.41 -0.88 10.40
C GLU B 141 8.73 -2.12 10.98
N VAL B 142 9.36 -2.76 11.97
CA VAL B 142 9.01 -4.16 12.31
C VAL B 142 7.62 -4.23 12.93
N PRO B 143 7.30 -3.54 14.05
CA PRO B 143 5.96 -3.70 14.61
C PRO B 143 4.87 -3.25 13.64
N GLU B 144 5.14 -2.23 12.83
CA GLU B 144 4.16 -1.74 11.82
C GLU B 144 3.85 -2.89 10.85
N ASP B 145 4.85 -3.56 10.30
CA ASP B 145 4.57 -4.66 9.33
C ASP B 145 3.99 -5.92 10.01
N MET B 146 4.42 -6.23 11.23
N MET B 146 4.41 -6.23 11.23
CA MET B 146 3.86 -7.39 11.96
CA MET B 146 3.84 -7.39 11.97
C MET B 146 2.36 -7.12 12.24
C MET B 146 2.35 -7.12 12.23
N THR B 147 1.98 -5.87 12.52
CA THR B 147 0.56 -5.52 12.79
C THR B 147 -0.25 -5.60 11.49
N ARG B 148 0.32 -5.18 10.36
CA ARG B 148 -0.34 -5.35 9.04
C ARG B 148 -0.66 -6.84 8.85
N LEU B 149 0.31 -7.71 9.12
CA LEU B 149 0.12 -9.16 8.93
C LEU B 149 -0.95 -9.70 9.87
N THR B 150 -0.84 -9.45 11.17
CA THR B 150 -1.73 -10.12 12.14
C THR B 150 -3.16 -9.60 11.96
N LEU B 151 -3.33 -8.32 11.67
CA LEU B 151 -4.69 -7.78 11.43
C LEU B 151 -5.27 -8.45 10.18
N ASP B 152 -4.50 -8.52 9.10
CA ASP B 152 -5.01 -9.15 7.86
C ASP B 152 -5.38 -10.61 8.14
N THR B 153 -4.59 -11.32 8.93
CA THR B 153 -4.84 -12.75 9.17
C THR B 153 -6.18 -12.91 9.91
N ILE B 154 -6.40 -12.12 10.96
CA ILE B 154 -7.68 -12.27 11.73
C ILE B 154 -8.87 -11.80 10.88
N GLY B 155 -8.71 -10.80 10.01
CA GLY B 155 -9.84 -10.42 9.14
C GLY B 155 -10.27 -11.56 8.22
N LEU B 156 -9.30 -12.26 7.63
N LEU B 156 -9.32 -12.26 7.60
CA LEU B 156 -9.58 -13.37 6.69
CA LEU B 156 -9.65 -13.39 6.70
C LEU B 156 -10.16 -14.58 7.44
C LEU B 156 -10.23 -14.56 7.50
N CYS B 157 -9.51 -15.04 8.51
CA CYS B 157 -9.96 -16.19 9.35
C CYS B 157 -11.22 -15.84 10.17
N GLY B 158 -11.40 -14.58 10.54
CA GLY B 158 -12.52 -14.11 11.37
C GLY B 158 -13.80 -14.01 10.57
N PHE B 159 -13.78 -13.34 9.43
CA PHE B 159 -15.02 -13.11 8.67
C PHE B 159 -14.75 -12.92 7.17
N ASN B 160 -13.69 -13.54 6.64
CA ASN B 160 -13.45 -13.59 5.17
C ASN B 160 -13.38 -12.16 4.62
N TYR B 161 -12.78 -11.25 5.38
CA TYR B 161 -12.63 -9.82 5.02
C TYR B 161 -11.15 -9.52 4.78
N ARG B 162 -10.86 -8.81 3.70
CA ARG B 162 -9.47 -8.37 3.39
C ARG B 162 -9.28 -6.92 3.85
N PHE B 163 -8.54 -6.73 4.94
CA PHE B 163 -8.13 -5.38 5.36
C PHE B 163 -7.14 -4.78 4.34
N ASN B 164 -6.42 -5.63 3.61
CA ASN B 164 -5.47 -5.17 2.56
C ASN B 164 -4.47 -4.19 3.19
N SER B 165 -3.98 -4.52 4.38
CA SER B 165 -3.07 -3.64 5.15
C SER B 165 -1.76 -3.38 4.39
N PHE B 166 -1.30 -4.29 3.51
CA PHE B 166 -0.03 -4.05 2.78
C PHE B 166 -0.24 -3.13 1.60
N TYR B 167 -1.48 -2.73 1.29
CA TYR B 167 -1.80 -1.82 0.17
C TYR B 167 -1.98 -0.37 0.64
N ARG B 168 -1.93 -0.08 1.93
CA ARG B 168 -2.20 1.32 2.35
C ARG B 168 -1.40 1.66 3.60
N ASP B 169 -1.33 2.95 3.92
CA ASP B 169 -0.77 3.43 5.20
C ASP B 169 -1.89 3.88 6.13
N GLN B 170 -2.99 4.45 5.61
CA GLN B 170 -4.09 4.94 6.48
C GLN B 170 -4.86 3.75 7.03
N PRO B 171 -5.12 3.65 8.36
CA PRO B 171 -5.90 2.53 8.90
C PRO B 171 -7.33 2.55 8.35
N HIS B 172 -7.93 1.36 8.33
CA HIS B 172 -9.39 1.14 8.17
C HIS B 172 -10.13 2.00 9.19
N PRO B 173 -11.30 2.61 8.83
CA PRO B 173 -12.09 3.38 9.80
C PRO B 173 -12.41 2.64 11.11
N PHE B 174 -12.68 1.33 11.02
CA PHE B 174 -12.91 0.48 12.23
C PHE B 174 -11.68 0.54 13.14
N ILE B 175 -10.48 0.42 12.57
CA ILE B 175 -9.21 0.33 13.34
C ILE B 175 -8.86 1.70 13.91
N THR B 176 -9.13 2.78 13.18
CA THR B 176 -8.95 4.15 13.74
C THR B 176 -9.75 4.24 15.05
N SER B 177 -11.02 3.85 15.03
CA SER B 177 -11.90 3.96 16.22
C SER B 177 -11.43 2.98 17.30
N MET B 178 -11.03 1.76 16.90
CA MET B 178 -10.65 0.71 17.89
C MET B 178 -9.36 1.13 18.61
N VAL B 179 -8.35 1.61 17.87
CA VAL B 179 -7.07 2.06 18.48
C VAL B 179 -7.34 3.25 19.43
N ARG B 180 -8.16 4.20 19.00
CA ARG B 180 -8.49 5.41 19.80
C ARG B 180 -9.28 5.01 21.05
N ALA B 181 -10.17 4.03 20.95
CA ALA B 181 -10.95 3.56 22.12
C ALA B 181 -10.04 2.80 23.09
N LEU B 182 -9.15 1.95 22.59
CA LEU B 182 -8.15 1.26 23.45
C LEU B 182 -7.24 2.31 24.14
N ASP B 183 -6.86 3.37 23.44
CA ASP B 183 -5.98 4.43 24.02
C ASP B 183 -6.72 5.12 25.15
N GLU B 184 -8.00 5.45 24.95
CA GLU B 184 -8.82 6.13 25.97
C GLU B 184 -8.97 5.22 27.20
N ALA B 185 -9.28 3.94 27.03
CA ALA B 185 -9.46 2.99 28.15
C ALA B 185 -8.18 2.98 29.00
N MET B 186 -7.02 2.94 28.35
CA MET B 186 -5.74 2.89 29.10
C MET B 186 -5.40 4.27 29.70
N ASN B 187 -5.73 5.37 29.00
CA ASN B 187 -5.43 6.74 29.50
C ASN B 187 -6.29 7.02 30.74
N LYS B 188 -7.48 6.44 30.81
CA LYS B 188 -8.44 6.70 31.92
C LYS B 188 -7.87 6.22 33.26
N LEU B 189 -7.04 5.16 33.28
CA LEU B 189 -6.61 4.46 34.52
C LEU B 189 -5.99 5.46 35.50
N GLN B 190 -5.12 6.34 35.02
CA GLN B 190 -4.30 7.23 35.88
C GLN B 190 -5.07 8.48 36.35
N ARG B 191 -6.15 8.86 35.66
CA ARG B 191 -6.71 10.21 35.86
C ARG B 191 -7.10 10.38 37.33
N ALA B 192 -6.39 11.25 38.05
CA ALA B 192 -6.67 11.65 39.46
C ALA B 192 -8.05 12.31 39.51
N ASN B 193 -8.43 13.04 38.46
CA ASN B 193 -9.71 13.80 38.35
C ASN B 193 -10.43 13.44 37.06
N PRO B 194 -11.03 12.23 36.96
CA PRO B 194 -11.67 11.78 35.71
C PRO B 194 -12.74 12.74 35.16
N ASP B 195 -13.24 13.69 35.95
CA ASP B 195 -14.35 14.62 35.57
C ASP B 195 -13.83 16.04 35.30
N ASP B 196 -12.51 16.25 35.39
CA ASP B 196 -11.81 17.46 34.88
C ASP B 196 -12.29 17.75 33.46
N PRO B 197 -12.71 18.99 33.12
CA PRO B 197 -13.15 19.31 31.76
C PRO B 197 -12.09 19.10 30.65
N ALA B 198 -10.82 18.92 31.00
CA ALA B 198 -9.74 18.60 30.03
C ALA B 198 -10.06 17.26 29.35
N TYR B 199 -10.91 16.42 29.94
CA TYR B 199 -11.24 15.06 29.41
C TYR B 199 -12.61 15.02 28.72
N ASP B 200 -13.34 16.15 28.63
CA ASP B 200 -14.70 16.21 28.02
C ASP B 200 -14.67 15.72 26.56
N GLU B 201 -13.72 16.22 25.77
N GLU B 201 -13.71 16.23 25.78
CA GLU B 201 -13.59 15.86 24.33
CA GLU B 201 -13.53 15.87 24.35
C GLU B 201 -13.22 14.36 24.24
C GLU B 201 -13.20 14.36 24.23
N ASN B 202 -12.33 13.87 25.11
CA ASN B 202 -11.91 12.43 25.16
C ASN B 202 -13.18 11.57 25.33
N LYS B 203 -14.08 11.97 26.22
CA LYS B 203 -15.33 11.22 26.51
C LYS B 203 -16.27 11.26 25.29
N ARG B 204 -16.42 12.41 24.64
CA ARG B 204 -17.30 12.55 23.45
C ARG B 204 -16.78 11.61 22.35
N GLN B 205 -15.46 11.65 22.13
CA GLN B 205 -14.78 10.89 21.06
C GLN B 205 -14.96 9.39 21.32
N PHE B 206 -14.87 8.98 22.58
CA PHE B 206 -14.99 7.56 22.99
C PHE B 206 -16.37 7.05 22.59
N GLN B 207 -17.44 7.80 22.91
CA GLN B 207 -18.82 7.37 22.57
C GLN B 207 -18.96 7.29 21.05
N GLU B 208 -18.33 8.21 20.31
CA GLU B 208 -18.37 8.21 18.82
C GLU B 208 -17.66 6.93 18.33
N ASP B 209 -16.55 6.55 18.96
CA ASP B 209 -15.73 5.38 18.51
C ASP B 209 -16.49 4.07 18.78
N ILE B 210 -17.18 4.01 19.92
CA ILE B 210 -18.04 2.83 20.25
C ILE B 210 -19.12 2.70 19.17
N LYS B 211 -19.75 3.82 18.78
CA LYS B 211 -20.84 3.77 17.77
C LYS B 211 -20.26 3.27 16.42
N VAL B 212 -19.09 3.77 16.01
CA VAL B 212 -18.47 3.35 14.72
C VAL B 212 -18.23 1.84 14.76
N MET B 213 -17.62 1.34 15.84
CA MET B 213 -17.27 -0.10 15.92
C MET B 213 -18.56 -0.92 15.84
N ASN B 214 -19.59 -0.51 16.58
CA ASN B 214 -20.85 -1.28 16.64
C ASN B 214 -21.51 -1.26 15.28
N ASP B 215 -21.57 -0.09 14.64
CA ASP B 215 -22.31 0.06 13.35
C ASP B 215 -21.61 -0.78 12.28
N LEU B 216 -20.28 -0.75 12.21
CA LEU B 216 -19.52 -1.45 11.14
C LEU B 216 -19.59 -2.97 11.34
N VAL B 217 -19.46 -3.45 12.58
CA VAL B 217 -19.48 -4.92 12.83
C VAL B 217 -20.93 -5.41 12.70
N ASP B 218 -21.91 -4.65 13.16
CA ASP B 218 -23.33 -5.05 12.98
C ASP B 218 -23.63 -5.22 11.48
N LYS B 219 -23.05 -4.38 10.62
CA LYS B 219 -23.26 -4.43 9.14
C LYS B 219 -22.60 -5.68 8.54
N ILE B 220 -21.40 -6.05 9.01
N ILE B 220 -21.39 -6.05 9.01
CA ILE B 220 -20.70 -7.31 8.59
CA ILE B 220 -20.69 -7.31 8.60
C ILE B 220 -21.61 -8.51 8.87
C ILE B 220 -21.63 -8.51 8.87
N ILE B 221 -22.19 -8.59 10.08
CA ILE B 221 -23.05 -9.74 10.49
C ILE B 221 -24.32 -9.74 9.61
N ALA B 222 -24.96 -8.58 9.48
CA ALA B 222 -26.23 -8.45 8.75
C ALA B 222 -25.99 -8.83 7.27
N ASP B 223 -24.90 -8.33 6.67
CA ASP B 223 -24.50 -8.64 5.27
C ASP B 223 -24.27 -10.14 5.08
N ARG B 224 -23.63 -10.80 6.04
CA ARG B 224 -23.34 -12.26 5.95
C ARG B 224 -24.66 -13.04 6.04
N LYS B 225 -25.55 -12.65 6.95
CA LYS B 225 -26.85 -13.35 7.10
C LYS B 225 -27.64 -13.21 5.79
N ALA B 226 -27.60 -12.02 5.18
CA ALA B 226 -28.34 -11.71 3.94
C ALA B 226 -27.81 -12.55 2.77
N SER B 227 -26.48 -12.72 2.66
CA SER B 227 -25.82 -13.39 1.49
C SER B 227 -26.04 -14.90 1.52
N GLY B 228 -26.16 -15.48 2.71
CA GLY B 228 -26.24 -16.95 2.91
C GLY B 228 -24.87 -17.63 2.79
N GLU B 229 -23.79 -16.89 2.55
CA GLU B 229 -22.44 -17.48 2.31
C GLU B 229 -22.01 -18.32 3.52
N GLN B 230 -21.42 -19.50 3.26
CA GLN B 230 -20.98 -20.49 4.27
C GLN B 230 -19.46 -20.62 4.22
N SER B 231 -18.74 -19.49 4.22
CA SER B 231 -17.25 -19.49 4.25
C SER B 231 -16.81 -20.09 5.59
N ASP B 232 -15.68 -20.77 5.59
CA ASP B 232 -15.14 -21.49 6.77
C ASP B 232 -14.37 -20.47 7.63
N ASP B 233 -15.10 -19.64 8.36
CA ASP B 233 -14.50 -18.55 9.17
C ASP B 233 -15.25 -18.53 10.50
N LEU B 234 -14.74 -17.78 11.45
CA LEU B 234 -15.31 -17.75 12.81
C LEU B 234 -16.74 -17.24 12.74
N LEU B 235 -17.05 -16.29 11.87
CA LEU B 235 -18.42 -15.73 11.80
C LEU B 235 -19.39 -16.84 11.39
N THR B 236 -19.07 -17.65 10.40
CA THR B 236 -19.95 -18.77 10.00
C THR B 236 -20.15 -19.70 11.22
N HIS B 237 -19.07 -20.01 11.92
CA HIS B 237 -19.11 -20.92 13.09
C HIS B 237 -20.06 -20.35 14.15
N MET B 238 -20.02 -19.03 14.36
CA MET B 238 -20.88 -18.37 15.38
C MET B 238 -22.34 -18.27 14.89
N LEU B 239 -22.58 -18.05 13.60
CA LEU B 239 -23.97 -18.02 13.07
C LEU B 239 -24.61 -19.43 13.12
N ASN B 240 -23.82 -20.51 13.01
CA ASN B 240 -24.40 -21.86 12.86
C ASN B 240 -24.30 -22.67 14.17
N GLY B 241 -23.41 -22.30 15.07
CA GLY B 241 -23.05 -23.15 16.21
C GLY B 241 -24.08 -23.07 17.32
N LYS B 242 -24.22 -24.18 18.02
CA LYS B 242 -25.12 -24.29 19.19
C LYS B 242 -24.29 -24.79 20.36
N ASP B 243 -24.49 -24.16 21.51
CA ASP B 243 -23.92 -24.61 22.79
C ASP B 243 -24.54 -25.94 23.18
N PRO B 244 -23.77 -27.03 23.40
CA PRO B 244 -24.38 -28.30 23.84
C PRO B 244 -25.13 -28.22 25.17
N GLU B 245 -24.72 -27.32 26.07
CA GLU B 245 -25.31 -27.22 27.42
C GLU B 245 -26.71 -26.59 27.30
N THR B 246 -26.79 -25.34 26.85
CA THR B 246 -28.07 -24.58 26.75
C THR B 246 -28.84 -25.02 25.51
N GLY B 247 -28.16 -25.55 24.49
CA GLY B 247 -28.74 -25.84 23.17
C GLY B 247 -28.93 -24.58 22.34
N GLU B 248 -28.47 -23.43 22.83
CA GLU B 248 -28.74 -22.11 22.19
C GLU B 248 -27.55 -21.69 21.35
N PRO B 249 -27.80 -20.94 20.25
CA PRO B 249 -26.74 -20.22 19.56
C PRO B 249 -26.47 -18.86 20.22
N LEU B 250 -25.35 -18.23 19.85
CA LEU B 250 -25.08 -16.82 20.24
C LEU B 250 -26.06 -15.89 19.52
N ASP B 251 -26.51 -14.83 20.19
CA ASP B 251 -27.32 -13.77 19.54
C ASP B 251 -26.39 -12.78 18.80
N ASP B 252 -26.96 -11.97 17.90
CA ASP B 252 -26.17 -11.11 16.99
C ASP B 252 -25.38 -10.08 17.81
N GLU B 253 -25.91 -9.61 18.93
CA GLU B 253 -25.19 -8.61 19.76
C GLU B 253 -23.93 -9.28 20.31
N ASN B 254 -24.05 -10.51 20.81
CA ASN B 254 -22.87 -11.20 21.38
C ASN B 254 -21.88 -11.53 20.26
N ILE B 255 -22.34 -11.89 19.07
CA ILE B 255 -21.41 -12.16 17.94
C ILE B 255 -20.62 -10.87 17.65
N ARG B 256 -21.28 -9.71 17.66
CA ARG B 256 -20.58 -8.43 17.45
C ARG B 256 -19.46 -8.27 18.49
N TYR B 257 -19.74 -8.51 19.76
CA TYR B 257 -18.69 -8.37 20.80
C TYR B 257 -17.55 -9.37 20.58
N GLN B 258 -17.84 -10.58 20.12
CA GLN B 258 -16.77 -11.58 19.84
C GLN B 258 -15.89 -11.07 18.70
N ILE B 259 -16.50 -10.54 17.64
N ILE B 259 -16.51 -10.57 17.62
CA ILE B 259 -15.71 -10.05 16.47
CA ILE B 259 -15.75 -10.05 16.44
C ILE B 259 -14.84 -8.88 16.91
C ILE B 259 -14.87 -8.87 16.87
N ILE B 260 -15.41 -7.93 17.67
CA ILE B 260 -14.61 -6.78 18.21
C ILE B 260 -13.43 -7.35 19.00
N THR B 261 -13.69 -8.32 19.87
CA THR B 261 -12.65 -8.93 20.74
C THR B 261 -11.55 -9.57 19.89
N PHE B 262 -11.93 -10.32 18.85
CA PHE B 262 -10.94 -10.98 17.97
C PHE B 262 -10.12 -9.94 17.21
N LEU B 263 -10.71 -8.81 16.80
CA LEU B 263 -9.95 -7.75 16.09
C LEU B 263 -9.00 -7.04 17.04
N ILE B 264 -9.39 -6.83 18.30
CA ILE B 264 -8.43 -6.29 19.30
C ILE B 264 -7.25 -7.26 19.40
N ALA B 265 -7.52 -8.53 19.62
CA ALA B 265 -6.45 -9.54 19.82
C ALA B 265 -5.57 -9.63 18.57
N GLY B 266 -6.18 -9.61 17.39
CA GLY B 266 -5.49 -9.76 16.11
C GLY B 266 -4.60 -8.58 15.77
N HIS B 267 -4.89 -7.41 16.34
CA HIS B 267 -4.08 -6.18 16.16
C HIS B 267 -2.97 -6.08 17.22
N GLU B 268 -3.23 -6.53 18.44
CA GLU B 268 -2.45 -6.13 19.65
C GLU B 268 -1.47 -7.22 20.11
N THR B 269 -1.69 -8.49 19.75
CA THR B 269 -1.07 -9.60 20.52
C THR B 269 0.08 -10.24 19.76
N THR B 270 -0.25 -11.02 18.76
CA THR B 270 0.72 -11.82 17.99
C THR B 270 1.71 -10.85 17.39
N SER B 271 1.27 -9.64 17.00
CA SER B 271 2.19 -8.68 16.34
C SER B 271 3.31 -8.28 17.30
N GLY B 272 3.02 -8.11 18.59
CA GLY B 272 4.05 -7.80 19.59
C GLY B 272 4.98 -8.99 19.77
N LEU B 273 4.43 -10.20 19.86
CA LEU B 273 5.28 -11.41 20.00
C LEU B 273 6.27 -11.47 18.83
N LEU B 274 5.80 -11.33 17.60
CA LEU B 274 6.70 -11.44 16.43
C LEU B 274 7.75 -10.33 16.50
N SER B 275 7.37 -9.12 16.87
CA SER B 275 8.32 -7.98 16.97
C SER B 275 9.40 -8.29 18.01
N PHE B 276 9.01 -8.75 19.20
CA PHE B 276 9.99 -9.09 20.27
C PHE B 276 10.87 -10.26 19.84
N ALA B 277 10.30 -11.26 19.18
CA ALA B 277 11.08 -12.41 18.71
C ALA B 277 12.16 -11.93 17.73
N LEU B 278 11.81 -11.10 16.75
CA LEU B 278 12.83 -10.64 15.79
C LEU B 278 13.87 -9.77 16.52
N TYR B 279 13.43 -8.93 17.46
CA TYR B 279 14.35 -8.10 18.29
C TYR B 279 15.38 -9.02 18.95
N PHE B 280 14.94 -10.07 19.65
CA PHE B 280 15.89 -10.95 20.37
C PHE B 280 16.78 -11.70 19.36
N LEU B 281 16.24 -12.12 18.23
CA LEU B 281 17.07 -12.83 17.22
C LEU B 281 18.19 -11.91 16.72
N VAL B 282 17.92 -10.64 16.39
CA VAL B 282 19.01 -9.79 15.84
C VAL B 282 20.00 -9.43 16.96
N LYS B 283 19.59 -9.43 18.22
CA LYS B 283 20.49 -9.16 19.37
C LYS B 283 21.29 -10.40 19.77
N ASN B 284 20.95 -11.59 19.27
CA ASN B 284 21.57 -12.87 19.68
C ASN B 284 21.87 -13.71 18.44
N PRO B 285 22.90 -13.34 17.66
CA PRO B 285 23.16 -14.00 16.38
C PRO B 285 23.35 -15.52 16.41
N HIS B 286 23.88 -16.08 17.50
CA HIS B 286 23.99 -17.57 17.59
C HIS B 286 22.59 -18.18 17.52
N VAL B 287 21.64 -17.56 18.23
CA VAL B 287 20.24 -18.07 18.26
C VAL B 287 19.63 -17.91 16.87
N LEU B 288 19.85 -16.76 16.23
N LEU B 288 19.85 -16.76 16.22
CA LEU B 288 19.32 -16.50 14.87
CA LEU B 288 19.32 -16.52 14.85
C LEU B 288 19.85 -17.59 13.91
C LEU B 288 19.85 -17.60 13.91
N GLN B 289 21.13 -17.94 14.00
CA GLN B 289 21.73 -18.97 13.12
C GLN B 289 21.02 -20.32 13.32
N LYS B 290 20.80 -20.72 14.57
CA LYS B 290 20.15 -22.02 14.87
C LYS B 290 18.72 -21.99 14.33
N ALA B 291 18.00 -20.89 14.53
CA ALA B 291 16.60 -20.79 14.06
C ALA B 291 16.56 -20.79 12.52
N ALA B 292 17.49 -20.08 11.87
CA ALA B 292 17.54 -20.00 10.40
C ALA B 292 17.90 -21.37 9.82
N GLU B 293 18.76 -22.14 10.48
CA GLU B 293 19.13 -23.49 9.98
C GLU B 293 17.87 -24.35 9.95
N GLU B 294 17.06 -24.26 10.99
CA GLU B 294 15.85 -25.09 11.10
C GLU B 294 14.87 -24.69 10.01
N ALA B 295 14.66 -23.39 9.82
CA ALA B 295 13.72 -22.89 8.80
C ALA B 295 14.15 -23.41 7.42
N ALA B 296 15.44 -23.33 7.10
CA ALA B 296 15.95 -23.76 5.77
C ALA B 296 15.75 -25.26 5.57
N ARG B 297 16.00 -26.05 6.62
CA ARG B 297 15.95 -27.53 6.53
C ARG B 297 14.50 -28.00 6.41
N VAL B 298 13.58 -27.34 7.10
CA VAL B 298 12.19 -27.83 7.24
C VAL B 298 11.31 -27.28 6.10
N LEU B 299 11.43 -26.00 5.76
CA LEU B 299 10.48 -25.33 4.84
C LEU B 299 11.03 -25.48 3.41
N VAL B 300 10.94 -26.70 2.90
CA VAL B 300 11.62 -27.12 1.63
C VAL B 300 10.77 -26.75 0.41
N ASP B 301 9.53 -26.30 0.62
CA ASP B 301 8.60 -25.96 -0.49
C ASP B 301 8.32 -24.47 -0.50
N PRO B 302 8.00 -23.89 -1.67
CA PRO B 302 7.72 -22.45 -1.74
C PRO B 302 6.55 -21.99 -0.87
N VAL B 303 5.55 -22.86 -0.68
CA VAL B 303 4.34 -22.63 0.15
C VAL B 303 4.47 -23.58 1.34
N PRO B 304 4.73 -23.10 2.58
CA PRO B 304 4.81 -24.02 3.71
C PRO B 304 3.48 -24.72 3.95
N SER B 305 3.56 -25.97 4.35
CA SER B 305 2.42 -26.81 4.77
C SER B 305 2.21 -26.73 6.28
N TYR B 306 1.00 -27.06 6.72
CA TYR B 306 0.68 -27.22 8.15
C TYR B 306 1.71 -28.17 8.81
N LYS B 307 1.98 -29.34 8.20
CA LYS B 307 2.86 -30.37 8.78
C LYS B 307 4.28 -29.81 8.95
N GLN B 308 4.74 -29.01 8.00
CA GLN B 308 6.10 -28.40 8.07
C GLN B 308 6.12 -27.40 9.24
N VAL B 309 5.10 -26.58 9.41
CA VAL B 309 5.13 -25.57 10.51
C VAL B 309 5.24 -26.31 11.85
N LYS B 310 4.58 -27.47 11.99
CA LYS B 310 4.62 -28.23 13.26
C LYS B 310 6.03 -28.75 13.54
N GLN B 311 6.87 -28.89 12.52
CA GLN B 311 8.26 -29.40 12.67
C GLN B 311 9.23 -28.28 13.09
N LEU B 312 8.79 -27.02 13.15
CA LEU B 312 9.69 -25.90 13.53
C LEU B 312 9.84 -25.80 15.05
N LYS B 313 10.46 -26.81 15.67
CA LYS B 313 10.58 -26.91 17.15
C LYS B 313 11.37 -25.71 17.68
N TYR B 314 12.55 -25.42 17.12
CA TYR B 314 13.41 -24.34 17.65
C TYR B 314 12.72 -22.99 17.45
N VAL B 315 12.07 -22.78 16.31
CA VAL B 315 11.33 -21.50 16.11
C VAL B 315 10.29 -21.38 17.24
N GLY B 316 9.62 -22.47 17.60
CA GLY B 316 8.65 -22.44 18.72
C GLY B 316 9.34 -22.09 20.04
N MET B 317 10.55 -22.59 20.27
CA MET B 317 11.35 -22.29 21.50
C MET B 317 11.74 -20.81 21.52
N VAL B 318 12.10 -20.25 20.37
CA VAL B 318 12.38 -18.79 20.25
C VAL B 318 11.13 -17.99 20.67
N LEU B 319 9.96 -18.38 20.18
CA LEU B 319 8.71 -17.65 20.49
C LEU B 319 8.41 -17.78 21.99
N ASN B 320 8.59 -18.96 22.56
CA ASN B 320 8.36 -19.13 24.02
C ASN B 320 9.34 -18.26 24.83
N GLU B 321 10.60 -18.16 24.39
CA GLU B 321 11.60 -17.39 25.17
C GLU B 321 11.31 -15.88 25.03
N ALA B 322 10.76 -15.44 23.91
CA ALA B 322 10.30 -14.04 23.76
C ALA B 322 9.09 -13.82 24.69
N LEU B 323 8.15 -14.78 24.76
CA LEU B 323 7.01 -14.67 25.69
C LEU B 323 7.47 -14.72 27.14
N ARG B 324 8.58 -15.38 27.42
CA ARG B 324 9.07 -15.42 28.82
C ARG B 324 9.49 -13.99 29.20
N LEU B 325 10.36 -13.36 28.40
CA LEU B 325 10.91 -12.05 28.81
C LEU B 325 9.89 -10.93 28.65
N TRP B 326 9.09 -10.94 27.59
CA TRP B 326 8.14 -9.82 27.32
C TRP B 326 6.80 -10.42 26.92
N PRO B 327 6.07 -11.02 27.89
CA PRO B 327 4.73 -11.56 27.60
C PRO B 327 3.85 -10.38 27.15
N THR B 328 3.32 -10.39 25.92
N THR B 328 3.26 -10.56 25.98
CA THR B 328 2.74 -9.16 25.31
CA THR B 328 2.66 -9.48 25.18
C THR B 328 1.40 -8.81 25.95
C THR B 328 1.47 -8.88 25.94
N ALA B 329 0.73 -9.72 26.68
CA ALA B 329 -0.42 -9.34 27.52
C ALA B 329 0.01 -9.52 28.97
N PRO B 330 0.66 -8.52 29.58
CA PRO B 330 1.54 -8.80 30.71
C PRO B 330 0.94 -8.98 32.11
N ALA B 331 -0.37 -8.82 32.26
CA ALA B 331 -0.97 -8.94 33.60
C ALA B 331 -2.39 -9.47 33.47
N PHE B 332 -2.81 -10.27 34.44
CA PHE B 332 -4.23 -10.62 34.55
C PHE B 332 -4.63 -10.56 36.02
N SER B 333 -5.93 -10.44 36.22
CA SER B 333 -6.52 -10.16 37.55
C SER B 333 -7.39 -11.33 38.01
N LEU B 334 -7.42 -11.53 39.33
CA LEU B 334 -8.16 -12.62 39.99
C LEU B 334 -8.88 -12.04 41.22
N TYR B 335 -9.93 -12.72 41.66
CA TYR B 335 -10.57 -12.40 42.95
C TYR B 335 -10.72 -13.68 43.76
N ALA B 336 -10.68 -13.54 45.09
CA ALA B 336 -10.86 -14.66 46.02
C ALA B 336 -12.33 -15.08 46.04
N LYS B 337 -12.62 -16.33 45.72
CA LYS B 337 -14.01 -16.86 45.74
C LYS B 337 -14.55 -16.91 47.17
N GLU B 338 -13.67 -17.15 48.13
CA GLU B 338 -13.98 -17.23 49.57
C GLU B 338 -12.80 -16.69 50.38
N ASP B 339 -13.00 -16.42 51.66
CA ASP B 339 -11.88 -16.15 52.57
C ASP B 339 -10.85 -17.25 52.41
N THR B 340 -9.58 -16.90 52.39
CA THR B 340 -8.48 -17.85 52.18
C THR B 340 -7.18 -17.18 52.60
N VAL B 341 -6.17 -18.00 52.85
CA VAL B 341 -4.82 -17.52 53.25
C VAL B 341 -3.88 -17.82 52.09
N LEU B 342 -3.24 -16.79 51.56
CA LEU B 342 -2.31 -16.96 50.42
C LEU B 342 -0.90 -17.22 50.99
N GLY B 343 -0.30 -18.35 50.59
CA GLY B 343 1.11 -18.65 50.90
C GLY B 343 1.37 -18.80 52.39
N GLY B 344 0.35 -19.18 53.17
CA GLY B 344 0.45 -19.37 54.63
C GLY B 344 0.70 -18.08 55.39
N GLU B 345 0.60 -16.91 54.73
CA GLU B 345 1.15 -15.64 55.28
C GLU B 345 0.16 -14.46 55.10
N TYR B 346 -0.68 -14.47 54.06
CA TYR B 346 -1.46 -13.28 53.67
C TYR B 346 -2.95 -13.63 53.65
N PRO B 347 -3.70 -13.35 54.74
CA PRO B 347 -5.12 -13.64 54.75
C PRO B 347 -5.86 -12.72 53.78
N LEU B 348 -6.77 -13.30 53.01
CA LEU B 348 -7.62 -12.57 52.04
C LEU B 348 -9.08 -12.86 52.41
N GLU B 349 -9.91 -11.84 52.23
CA GLU B 349 -11.37 -11.92 52.36
C GLU B 349 -11.96 -12.25 51.00
N LYS B 350 -13.09 -12.95 50.99
CA LYS B 350 -13.96 -13.12 49.81
C LYS B 350 -14.01 -11.79 49.03
N GLY B 351 -13.72 -11.86 47.73
CA GLY B 351 -13.81 -10.71 46.81
C GLY B 351 -12.50 -9.94 46.69
N ASP B 352 -11.51 -10.18 47.57
CA ASP B 352 -10.21 -9.46 47.48
C ASP B 352 -9.56 -9.77 46.13
N GLU B 353 -8.97 -8.73 45.52
N GLU B 353 -8.92 -8.75 45.57
CA GLU B 353 -8.36 -8.79 44.16
CA GLU B 353 -8.32 -8.79 44.22
C GLU B 353 -6.84 -9.04 44.22
C GLU B 353 -6.81 -9.07 44.26
N LEU B 354 -6.35 -9.82 43.26
CA LEU B 354 -4.92 -10.06 42.98
C LEU B 354 -4.63 -9.63 41.54
N MET B 355 -3.42 -9.16 41.30
CA MET B 355 -2.89 -8.98 39.92
C MET B 355 -1.67 -9.89 39.77
N VAL B 356 -1.61 -10.64 38.68
CA VAL B 356 -0.42 -11.46 38.34
C VAL B 356 0.45 -10.65 37.39
N LEU B 357 1.68 -10.34 37.79
N LEU B 357 1.66 -10.26 37.82
CA LEU B 357 2.64 -9.59 36.94
CA LEU B 357 2.66 -9.56 36.95
C LEU B 357 3.48 -10.61 36.18
C LEU B 357 3.46 -10.63 36.20
N ILE B 358 3.03 -10.96 34.98
CA ILE B 358 3.60 -12.13 34.25
C ILE B 358 5.10 -11.89 33.99
N PRO B 359 5.57 -10.67 33.61
CA PRO B 359 7.00 -10.53 33.34
C PRO B 359 7.86 -10.83 34.58
N GLN B 360 7.33 -10.55 35.78
CA GLN B 360 8.09 -10.81 37.02
C GLN B 360 8.04 -12.30 37.33
N LEU B 361 6.90 -12.95 37.16
CA LEU B 361 6.82 -14.43 37.33
C LEU B 361 7.94 -15.05 36.50
N HIS B 362 8.05 -14.60 35.25
CA HIS B 362 8.99 -15.16 34.26
C HIS B 362 10.45 -14.80 34.56
N ARG B 363 10.70 -14.01 35.62
CA ARG B 363 12.05 -13.63 36.08
C ARG B 363 12.33 -14.19 37.48
N ASP B 364 11.53 -15.14 37.94
CA ASP B 364 11.71 -15.75 39.27
C ASP B 364 12.99 -16.61 39.23
N LYS B 365 14.05 -16.17 39.88
CA LYS B 365 15.35 -16.89 39.80
C LYS B 365 15.28 -18.27 40.45
N THR B 366 14.35 -18.49 41.36
CA THR B 366 14.20 -19.79 42.05
C THR B 366 13.67 -20.82 41.05
N ILE B 367 13.09 -20.39 39.93
CA ILE B 367 12.59 -21.28 38.85
C ILE B 367 13.61 -21.36 37.72
N TRP B 368 14.07 -20.22 37.23
CA TRP B 368 14.79 -20.10 35.93
C TRP B 368 16.31 -20.05 36.12
N GLY B 369 16.81 -19.79 37.33
CA GLY B 369 18.26 -19.66 37.59
C GLY B 369 18.72 -18.22 37.53
N ASP B 370 20.03 -18.00 37.61
CA ASP B 370 20.60 -16.65 37.82
C ASP B 370 20.53 -15.83 36.53
N ASP B 371 20.55 -16.49 35.37
CA ASP B 371 20.70 -15.87 34.03
C ASP B 371 19.34 -15.41 33.47
N VAL B 372 18.39 -14.94 34.29
CA VAL B 372 16.97 -14.77 33.85
C VAL B 372 16.85 -13.70 32.76
N GLU B 373 17.75 -12.72 32.68
CA GLU B 373 17.64 -11.64 31.66
C GLU B 373 18.18 -12.09 30.30
N GLU B 374 18.87 -13.24 30.22
CA GLU B 374 19.47 -13.70 28.96
C GLU B 374 18.42 -14.40 28.10
N PHE B 375 18.55 -14.26 26.79
CA PHE B 375 17.65 -14.84 25.78
C PHE B 375 18.22 -16.19 25.38
N ARG B 376 17.63 -17.27 25.90
CA ARG B 376 18.15 -18.64 25.72
C ARG B 376 17.00 -19.59 25.42
N PRO B 377 16.64 -19.76 24.14
CA PRO B 377 15.51 -20.63 23.80
C PRO B 377 15.69 -22.08 24.28
N GLU B 378 16.93 -22.49 24.49
CA GLU B 378 17.26 -23.85 24.99
C GLU B 378 16.57 -24.12 26.34
N ARG B 379 16.15 -23.09 27.09
CA ARG B 379 15.37 -23.27 28.35
C ARG B 379 14.14 -24.12 28.07
N PHE B 380 13.64 -24.10 26.83
CA PHE B 380 12.37 -24.73 26.44
C PHE B 380 12.57 -26.03 25.66
N GLU B 381 13.82 -26.54 25.62
CA GLU B 381 14.14 -27.76 24.85
C GLU B 381 13.28 -28.93 25.36
N ASN B 382 13.06 -28.98 26.67
CA ASN B 382 12.38 -30.07 27.40
C ASN B 382 11.19 -29.48 28.15
N PRO B 383 9.99 -29.45 27.54
CA PRO B 383 8.81 -28.80 28.15
C PRO B 383 8.48 -29.32 29.55
N SER B 384 8.77 -30.60 29.82
N SER B 384 8.74 -30.63 29.78
CA SER B 384 8.40 -31.26 31.08
CA SER B 384 8.50 -31.36 31.05
C SER B 384 9.22 -30.71 32.25
C SER B 384 9.19 -30.65 32.23
N ALA B 385 10.33 -30.01 31.97
CA ALA B 385 11.19 -29.39 33.01
C ALA B 385 10.61 -28.07 33.52
N ILE B 386 9.61 -27.48 32.85
CA ILE B 386 9.01 -26.18 33.30
C ILE B 386 7.98 -26.52 34.35
N PRO B 387 8.13 -26.06 35.62
CA PRO B 387 7.11 -26.35 36.62
C PRO B 387 5.74 -25.77 36.30
N GLN B 388 4.68 -26.43 36.80
CA GLN B 388 3.30 -25.92 36.63
C GLN B 388 3.25 -24.47 37.13
N HIS B 389 2.58 -23.60 36.37
CA HIS B 389 2.30 -22.19 36.73
C HIS B 389 3.59 -21.36 36.79
N ALA B 390 4.73 -21.85 36.25
CA ALA B 390 5.96 -21.03 36.12
C ALA B 390 5.91 -20.15 34.87
N PHE B 391 5.19 -20.56 33.84
CA PHE B 391 5.23 -19.94 32.50
C PHE B 391 3.77 -19.73 32.08
N LYS B 392 3.30 -18.49 32.11
CA LYS B 392 1.86 -18.21 31.96
C LYS B 392 1.56 -17.07 30.99
N PRO B 393 2.19 -17.03 29.80
CA PRO B 393 1.93 -15.92 28.89
C PRO B 393 0.50 -15.93 28.32
N PHE B 394 -0.21 -17.06 28.44
CA PHE B 394 -1.58 -17.17 27.91
C PHE B 394 -2.60 -17.25 29.06
N GLY B 395 -2.22 -16.82 30.27
CA GLY B 395 -3.13 -16.81 31.40
C GLY B 395 -3.38 -18.19 31.97
N ASN B 396 -4.56 -18.40 32.57
CA ASN B 396 -4.77 -19.56 33.47
C ASN B 396 -6.13 -20.23 33.27
N GLY B 397 -6.08 -21.57 33.29
CA GLY B 397 -7.25 -22.44 33.44
C GLY B 397 -8.31 -22.18 32.41
N GLN B 398 -9.59 -22.21 32.80
CA GLN B 398 -10.69 -22.10 31.82
C GLN B 398 -10.74 -20.70 31.22
N ARG B 399 -10.10 -19.70 31.87
CA ARG B 399 -10.08 -18.31 31.37
C ARG B 399 -8.75 -18.03 30.68
N ALA B 400 -8.01 -19.08 30.30
CA ALA B 400 -6.79 -18.89 29.51
C ALA B 400 -7.14 -18.45 28.07
N CYS B 401 -6.13 -18.01 27.36
CA CYS B 401 -6.28 -17.49 25.99
C CYS B 401 -6.92 -18.55 25.09
N ILE B 402 -8.07 -18.26 24.51
CA ILE B 402 -8.66 -19.22 23.53
C ILE B 402 -7.85 -19.20 22.21
N GLY B 403 -7.14 -18.10 21.97
CA GLY B 403 -6.38 -17.88 20.72
C GLY B 403 -4.98 -18.48 20.73
N GLN B 404 -4.59 -19.21 21.79
CA GLN B 404 -3.16 -19.60 21.94
C GLN B 404 -2.66 -20.38 20.71
N GLN B 405 -3.42 -21.36 20.24
N GLN B 405 -3.42 -21.37 20.25
CA GLN B 405 -2.97 -22.23 19.13
CA GLN B 405 -2.99 -22.24 19.12
C GLN B 405 -2.93 -21.40 17.84
C GLN B 405 -2.91 -21.39 17.85
N PHE B 406 -3.88 -20.49 17.67
CA PHE B 406 -3.96 -19.59 16.50
C PHE B 406 -2.73 -18.69 16.48
N ALA B 407 -2.44 -18.02 17.60
CA ALA B 407 -1.29 -17.11 17.74
C ALA B 407 0.02 -17.83 17.46
N LEU B 408 0.21 -19.00 18.04
CA LEU B 408 1.51 -19.70 17.88
C LEU B 408 1.64 -20.30 16.48
N HIS B 409 0.53 -20.71 15.86
CA HIS B 409 0.61 -21.26 14.49
C HIS B 409 1.01 -20.14 13.53
N GLU B 410 0.34 -18.99 13.64
CA GLU B 410 0.64 -17.83 12.78
C GLU B 410 2.08 -17.39 13.02
N ALA B 411 2.51 -17.26 14.27
CA ALA B 411 3.82 -16.67 14.56
C ALA B 411 4.92 -17.63 14.11
N THR B 412 4.69 -18.94 14.28
CA THR B 412 5.69 -19.95 13.88
C THR B 412 5.83 -19.96 12.35
N LEU B 413 4.71 -19.94 11.64
CA LEU B 413 4.72 -19.91 10.16
C LEU B 413 5.48 -18.68 9.67
N VAL B 414 5.12 -17.51 10.18
CA VAL B 414 5.66 -16.22 9.68
C VAL B 414 7.13 -16.13 10.03
N LEU B 415 7.49 -16.44 11.27
CA LEU B 415 8.90 -16.32 11.67
C LEU B 415 9.71 -17.35 10.87
N GLY B 416 9.17 -18.55 10.65
CA GLY B 416 9.87 -19.55 9.84
C GLY B 416 10.13 -19.01 8.43
N MET B 417 9.12 -18.41 7.80
CA MET B 417 9.29 -17.87 6.43
C MET B 417 10.29 -16.70 6.45
N MET B 418 10.23 -15.82 7.44
CA MET B 418 11.17 -14.68 7.52
C MET B 418 12.60 -15.23 7.56
N LEU B 419 12.85 -16.23 8.41
CA LEU B 419 14.22 -16.78 8.58
C LEU B 419 14.66 -17.55 7.35
N LYS B 420 13.72 -18.14 6.61
CA LYS B 420 14.07 -18.86 5.36
C LYS B 420 14.52 -17.86 4.29
N HIS B 421 13.81 -16.74 4.19
CA HIS B 421 13.91 -15.85 3.01
C HIS B 421 14.94 -14.73 3.16
N PHE B 422 15.32 -14.34 4.38
CA PHE B 422 16.16 -13.14 4.60
C PHE B 422 17.22 -13.36 5.69
N ASP B 423 18.35 -12.68 5.50
CA ASP B 423 19.29 -12.32 6.58
C ASP B 423 18.88 -10.95 7.11
N PHE B 424 19.11 -10.72 8.38
CA PHE B 424 18.66 -9.48 9.08
C PHE B 424 19.86 -8.75 9.68
N GLU B 425 19.78 -7.43 9.63
CA GLU B 425 20.78 -6.52 10.21
C GLU B 425 20.09 -5.54 11.17
N ASP B 426 20.61 -5.44 12.38
CA ASP B 426 20.25 -4.40 13.37
C ASP B 426 21.07 -3.16 13.04
N HIS B 427 20.72 -2.48 11.96
CA HIS B 427 21.59 -1.46 11.34
C HIS B 427 21.69 -0.19 12.19
N THR B 428 20.74 0.06 13.09
CA THR B 428 20.73 1.24 14.00
C THR B 428 21.25 0.88 15.41
N ASN B 429 21.59 -0.37 15.70
CA ASN B 429 21.90 -0.83 17.08
C ASN B 429 20.75 -0.37 17.98
N TYR B 430 19.55 -0.82 17.64
CA TYR B 430 18.27 -0.37 18.23
C TYR B 430 18.29 -0.57 19.75
N GLU B 431 17.89 0.48 20.47
CA GLU B 431 17.74 0.47 21.95
C GLU B 431 16.28 0.16 22.25
N LEU B 432 16.03 -0.96 22.93
CA LEU B 432 14.65 -1.41 23.23
C LEU B 432 13.88 -0.30 23.96
N ASP B 433 12.71 0.03 23.41
CA ASP B 433 11.80 1.04 23.96
C ASP B 433 10.41 0.42 23.87
N ILE B 434 9.82 0.06 25.01
CA ILE B 434 8.59 -0.78 25.00
C ILE B 434 7.39 0.15 25.20
N LYS B 435 6.58 0.24 24.16
CA LYS B 435 5.30 0.99 24.22
C LYS B 435 4.21 0.11 24.81
N GLU B 436 3.40 0.70 25.68
CA GLU B 436 2.32 -0.03 26.37
C GLU B 436 0.97 0.48 25.88
N THR B 437 0.12 -0.44 25.42
CA THR B 437 -1.32 -0.22 25.18
C THR B 437 -2.05 -1.16 26.13
N LEU B 438 -3.00 -1.94 25.63
CA LEU B 438 -3.43 -3.17 26.34
C LEU B 438 -2.21 -4.10 26.42
N THR B 439 -1.30 -3.99 25.46
CA THR B 439 -0.23 -4.99 25.25
C THR B 439 1.11 -4.25 25.08
N LEU B 440 2.19 -5.03 24.96
CA LEU B 440 3.56 -4.48 24.84
C LEU B 440 4.04 -4.64 23.40
N LYS B 441 4.77 -3.64 22.89
CA LYS B 441 5.43 -3.74 21.56
C LYS B 441 6.72 -2.91 21.58
N PRO B 442 7.77 -3.33 20.85
CA PRO B 442 8.99 -2.55 20.73
C PRO B 442 8.95 -1.36 19.76
N GLU B 443 8.65 -0.18 20.28
CA GLU B 443 8.44 1.04 19.47
C GLU B 443 9.72 1.42 18.72
N GLY B 444 9.60 1.72 17.43
CA GLY B 444 10.74 2.26 16.66
C GLY B 444 11.70 1.17 16.23
N PHE B 445 11.37 -0.11 16.45
CA PHE B 445 12.28 -1.22 16.07
C PHE B 445 12.30 -1.33 14.54
N VAL B 446 13.51 -1.18 13.99
CA VAL B 446 13.75 -1.20 12.53
C VAL B 446 14.91 -2.16 12.26
N VAL B 447 14.89 -2.80 11.11
CA VAL B 447 15.98 -3.68 10.64
C VAL B 447 16.12 -3.52 9.13
N LYS B 448 17.23 -4.00 8.60
CA LYS B 448 17.38 -4.22 7.15
C LYS B 448 17.39 -5.73 6.91
N ALA B 449 16.73 -6.13 5.83
CA ALA B 449 16.70 -7.53 5.38
C ALA B 449 17.48 -7.64 4.07
N LYS B 450 18.29 -8.69 3.94
CA LYS B 450 18.97 -9.00 2.66
C LYS B 450 18.37 -10.32 2.20
N SER B 451 17.78 -10.30 1.02
CA SER B 451 17.14 -11.49 0.45
C SER B 451 18.18 -12.61 0.29
N LYS B 452 17.79 -13.83 0.66
CA LYS B 452 18.52 -15.06 0.29
C LYS B 452 18.13 -15.50 -1.13
N LYS B 453 17.25 -14.74 -1.80
CA LYS B 453 16.85 -14.94 -3.23
C LYS B 453 16.34 -16.37 -3.42
N ILE B 454 15.46 -16.80 -2.51
CA ILE B 454 14.77 -18.12 -2.58
C ILE B 454 13.36 -17.88 -3.08
N PRO B 455 12.99 -18.45 -4.25
CA PRO B 455 11.68 -18.19 -4.85
C PRO B 455 10.52 -18.62 -3.95
N LEU B 456 9.40 -17.91 -4.07
CA LEU B 456 8.06 -18.30 -3.56
C LEU B 456 7.31 -19.06 -4.67
CHA HEM C . 7.68 12.05 -27.74
CHA HEM C . 7.73 12.01 -27.75
CHB HEM C . 3.09 10.53 -27.18
CHB HEM C . 9.13 8.86 -24.30
CHC HEM C . 4.61 7.11 -24.01
CHC HEM C . 4.58 7.13 -24.01
CHD HEM C . 9.08 8.93 -24.30
CHD HEM C . 3.13 10.59 -27.10
C1A HEM C . 6.30 11.90 -27.87
C1A HEM C . 8.49 11.30 -26.84
C2A HEM C . 5.49 12.71 -28.73
C2A HEM C . 9.88 11.49 -26.63
C3A HEM C . 4.21 12.29 -28.55
C3A HEM C . 10.27 10.62 -25.65
C4A HEM C . 4.21 11.23 -27.60
C4A HEM C . 9.12 9.88 -25.26
CMA HEM C . 2.95 12.81 -29.21
CMA HEM C . 11.65 10.47 -25.06
CAA HEM C . 5.94 13.82 -29.67
CAA HEM C . 10.80 12.45 -27.37
CBA HEM C . 6.08 15.14 -28.89
CBA HEM C . 11.35 11.72 -28.63
CGA HEM C . 6.37 16.38 -29.70
CGA HEM C . 12.32 12.57 -29.43
O1A HEM C . 6.61 17.45 -29.06
O1A HEM C . 13.44 12.07 -29.71
O2A HEM C . 6.38 16.34 -30.96
O2A HEM C . 12.00 13.70 -29.87
C1B HEM C . 3.14 9.46 -26.26
C1B HEM C . 8.00 8.10 -23.95
C2B HEM C . 1.98 8.71 -25.89
C2B HEM C . 8.02 7.03 -22.99
C3B HEM C . 2.38 7.74 -25.00
C3B HEM C . 6.75 6.52 -22.90
C4B HEM C . 3.84 7.92 -24.86
C4B HEM C . 5.94 7.32 -23.84
CMB HEM C . 0.59 9.00 -26.41
CMB HEM C . 9.22 6.54 -22.22
CAB HEM C . 1.64 6.64 -24.33
CAB HEM C . 6.21 5.45 -22.03
CBB HEM C . 0.40 6.30 -24.67
CBB HEM C . 6.94 4.87 -21.06
C1C HEM C . 5.96 7.29 -23.80
C1C HEM C . 3.77 7.92 -24.82
C2C HEM C . 6.81 6.49 -22.99
C2C HEM C . 2.40 7.75 -25.03
C3C HEM C . 8.10 7.01 -23.07
C3C HEM C . 2.01 8.75 -25.92
C4C HEM C . 8.01 8.14 -23.95
C4C HEM C . 3.15 9.54 -26.22
CMC HEM C . 6.35 5.30 -22.18
CMC HEM C . 1.52 6.68 -24.44
CAC HEM C . 9.36 6.62 -22.41
CAC HEM C . 0.66 9.04 -26.44
CBC HEM C . 9.42 5.72 -21.43
CBC HEM C . -0.40 8.40 -25.95
C1D HEM C . 9.02 9.92 -25.28
C1D HEM C . 4.30 11.23 -27.51
C2D HEM C . 10.23 10.67 -25.65
C2D HEM C . 4.24 12.32 -28.50
C3D HEM C . 9.87 11.53 -26.63
C3D HEM C . 5.51 12.74 -28.70
C4D HEM C . 8.40 11.31 -26.82
C4D HEM C . 6.34 11.86 -27.81
CMD HEM C . 11.61 10.50 -25.03
CMD HEM C . 2.97 12.85 -29.11
CAD HEM C . 10.78 12.49 -27.37
CAD HEM C . 5.95 13.85 -29.64
CBD HEM C . 11.34 11.74 -28.61
CBD HEM C . 6.11 15.16 -28.87
CGD HEM C . 12.31 12.56 -29.42
CGD HEM C . 6.38 16.38 -29.70
O1D HEM C . 12.00 13.70 -29.87
O1D HEM C . 6.62 17.45 -29.07
O2D HEM C . 13.44 12.07 -29.70
O2D HEM C . 6.38 16.35 -30.96
NA HEM C . 5.51 10.99 -27.17
NA HEM C . 8.04 10.29 -25.99
NB HEM C . 4.21 8.96 -25.63
NB HEM C . 6.74 8.22 -24.42
NC HEM C . 6.71 8.26 -24.37
NC HEM C . 4.21 9.01 -25.55
ND HEM C . 7.95 10.32 -26.00
ND HEM C . 5.57 10.97 -27.11
FE HEM C . 6.17 9.61 -25.84
FE HEM C . 6.15 9.61 -25.87
C1 HAI D . 6.13 12.51 -24.25
C2 HAI D . 6.86 12.95 -23.00
C3 HAI D . 5.91 12.99 -21.80
C4 HAI D . 4.73 13.89 -22.10
C5 HAI D . 3.96 13.34 -23.27
C6 HAI D . 4.84 13.27 -24.51
N HAI D . 5.82 11.07 -24.13
O5 ZP6 E . 2.78 27.27 -26.48
C15 ZP6 E . 2.06 26.50 -25.80
O4 ZP6 E . 2.52 25.89 -24.81
C14 ZP6 E . 0.60 26.26 -26.15
C16 ZP6 E . -0.31 27.23 -25.43
C17 ZP6 E . 0.05 28.67 -25.70
C22 ZP6 E . 0.66 29.44 -24.69
C21 ZP6 E . 0.97 30.78 -24.93
C20 ZP6 E . 0.67 31.34 -26.15
C19 ZP6 E . 0.06 30.59 -27.15
C18 ZP6 E . -0.24 29.25 -26.93
N2 ZP6 E . 0.25 24.93 -25.69
C13 ZP6 E . -0.74 24.21 -26.17
O3 ZP6 E . -1.46 24.60 -27.07
C12 ZP6 E . -0.94 22.81 -25.61
C11 ZP6 E . -2.20 22.82 -24.77
C10 ZP6 E . -1.74 22.99 -23.33
C9 ZP6 E . -0.32 22.47 -23.28
N1 ZP6 E . 0.07 22.29 -24.67
C8 ZP6 E . 1.19 21.69 -25.05
O2 ZP6 E . 1.62 21.69 -26.21
O1 ZP6 E . 1.94 20.97 -24.03
C7 ZP6 E . 3.24 20.39 -24.28
C5 ZP6 E . 3.16 19.03 -24.95
C6 ZP6 E . 2.27 18.05 -24.51
C1 ZP6 E . 2.23 16.80 -25.14
C4 ZP6 E . 4.02 18.74 -26.03
C3 ZP6 E . 3.99 17.51 -26.68
C2 ZP6 E . 3.10 16.53 -26.22
C1 GOL F . 15.90 19.70 -38.93
O1 GOL F . 14.80 19.82 -39.81
C2 GOL F . 16.68 20.99 -38.93
O2 GOL F . 17.51 21.02 -40.10
C3 GOL F . 17.50 21.23 -37.68
O3 GOL F . 18.44 20.18 -37.46
C1 GOL G . 0.84 8.97 -8.40
O1 GOL G . 1.20 10.34 -8.57
C2 GOL G . 2.04 8.12 -8.03
O2 GOL G . 2.49 8.46 -6.73
C3 GOL G . 1.74 6.63 -8.08
O3 GOL G . 0.68 6.27 -7.22
C1 GOL H . 10.50 7.53 -34.52
O1 GOL H . 10.67 7.61 -35.94
C2 GOL H . 11.81 7.67 -33.78
O2 GOL H . 12.63 8.68 -34.38
C3 GOL H . 11.64 8.02 -32.31
O3 GOL H . 11.90 9.40 -32.08
C1 GOL I . 9.19 -9.33 -7.01
O1 GOL I . 7.89 -9.11 -7.49
C2 GOL I . 9.23 -10.67 -6.34
O2 GOL I . 8.70 -11.61 -7.28
C3 GOL I . 10.62 -11.07 -5.86
O3 GOL I . 11.51 -9.97 -5.90
C1 GOL J . -6.85 -14.31 -5.15
O1 GOL J . -7.97 -14.09 -4.29
C2 GOL J . -5.57 -14.48 -4.35
O2 GOL J . -4.52 -13.79 -5.02
C3 GOL J . -5.69 -14.01 -2.92
O3 GOL J . -4.45 -13.53 -2.41
CHA HEM K . -7.38 -14.32 26.84
CHA HEM K . -7.42 -14.34 26.81
CHB HEM K . -2.64 -13.59 25.95
CHB HEM K . -8.31 -14.25 22.01
CHC HEM K . -3.49 -14.04 21.17
CHC HEM K . -3.49 -14.00 21.15
CHD HEM K . -8.24 -14.20 22.07
CHD HEM K . -2.71 -13.56 25.90
C1A HEM K . -6.01 -14.12 27.00
C1A HEM K . -8.04 -14.34 25.57
C2A HEM K . -5.36 -14.00 28.27
C2A HEM K . -9.45 -14.43 25.40
C3A HEM K . -4.03 -13.79 28.01
C3A HEM K . -9.68 -14.40 24.05
C4A HEM K . -3.85 -13.78 26.60
C4A HEM K . -8.45 -14.27 23.39
CMA HEM K . -2.93 -13.58 29.00
CMA HEM K . -11.03 -14.45 23.38
CAA HEM K . -6.02 -14.09 29.66
CAA HEM K . -10.47 -14.60 26.51
CBA HEM K . -6.59 -12.71 30.04
CBA HEM K . -10.70 -16.12 26.72
CGA HEM K . -7.12 -12.59 31.46
CGA HEM K . -11.76 -16.39 27.78
O1A HEM K . -7.70 -11.51 31.74
O1A HEM K . -12.71 -17.16 27.52
O2A HEM K . -6.99 -13.52 32.31
O2A HEM K . -11.69 -15.86 28.91
C1B HEM K . -2.47 -13.65 24.57
C1B HEM K . -7.05 -14.21 21.37
C2B HEM K . -1.18 -13.56 23.91
C2B HEM K . -6.89 -14.22 19.95
C3B HEM K . -1.43 -13.70 22.56
C3B HEM K . -5.55 -14.16 19.69
C4B HEM K . -2.89 -13.88 22.41
C4B HEM K . -4.88 -14.11 21.01
CMB HEM K . 0.15 -13.36 24.57
CMB HEM K . -7.99 -14.32 18.94
CAB HEM K . -0.51 -13.73 21.40
CAB HEM K . -4.81 -14.10 18.41
CBB HEM K . 0.80 -13.82 21.58
CBB HEM K . -5.41 -13.91 17.25
C1C HEM K . -4.86 -14.12 20.96
C1C HEM K . -2.83 -13.84 22.37
C2C HEM K . -5.52 -14.29 19.74
C2C HEM K . -1.42 -13.75 22.56
C3C HEM K . -6.89 -14.34 20.01
C3C HEM K . -1.21 -13.62 23.94
C4C HEM K . -7.04 -14.18 21.41
C4C HEM K . -2.50 -13.60 24.55
CMC HEM K . -4.85 -14.40 18.39
CMC HEM K . -0.38 -13.79 21.46
CAC HEM K . -8.02 -14.48 19.09
CAC HEM K . 0.03 -13.44 24.69
CBC HEM K . -7.87 -14.48 17.77
CBC HEM K . 1.20 -13.24 24.11
C1D HEM K . -8.34 -14.24 23.45
C1D HEM K . -3.94 -13.77 26.50
C2D HEM K . -9.64 -14.36 24.09
C2D HEM K . -4.08 -13.76 27.98
C3D HEM K . -9.42 -14.39 25.43
C3D HEM K . -5.39 -13.98 28.26
C4D HEM K . -7.96 -14.31 25.57
C4D HEM K . -6.04 -14.13 26.92
CMD HEM K . -10.99 -14.38 23.39
CMD HEM K . -2.96 -13.52 28.95
CAD HEM K . -10.45 -14.56 26.53
CAD HEM K . -6.04 -14.06 29.64
CBD HEM K . -10.70 -16.08 26.72
CBD HEM K . -6.60 -12.68 30.04
CGD HEM K . -11.75 -16.38 27.78
CGD HEM K . -7.12 -12.58 31.46
O1D HEM K . -11.68 -15.86 28.92
O1D HEM K . -6.99 -13.51 32.30
O2D HEM K . -12.70 -17.16 27.52
O2D HEM K . -7.71 -11.50 31.76
NA HEM K . -5.07 -13.98 25.97
NA HEM K . -7.43 -14.24 24.32
NB HEM K . -3.43 -13.84 23.63
NB HEM K . -5.83 -14.15 21.95
NC HEM K . -5.78 -14.09 21.95
NC HEM K . -3.45 -13.76 23.57
ND HEM K . -7.34 -14.21 24.36
ND HEM K . -5.14 -13.98 25.89
FE HEM K . -5.45 -14.10 23.98
FE HEM K . -5.43 -14.11 24.00
C1 HAI L . -6.37 -11.07 25.01
C2 HAI L . -7.40 -10.14 24.41
C3 HAI L . -6.72 -8.99 23.69
C4 HAI L . -5.75 -8.26 24.59
C5 HAI L . -4.70 -9.19 25.13
C6 HAI L . -5.31 -10.38 25.84
N HAI L . -5.70 -11.81 23.91
O5 ZP6 M . -6.50 -1.89 35.46
C15 ZP6 M . -6.17 -2.11 36.64
O4 ZP6 M . -7.04 -2.27 37.56
C14 ZP6 M . -4.68 -2.19 36.92
C16 ZP6 M . -4.10 -0.84 37.30
C17 ZP6 M . -4.79 -0.17 38.47
C22 ZP6 M . -5.63 0.91 38.20
C21 ZP6 M . -6.28 1.57 39.22
C20 ZP6 M . -6.07 1.16 40.53
C19 ZP6 M . -5.22 0.10 40.83
C18 ZP6 M . -4.59 -0.59 39.80
N2 ZP6 M . -4.00 -2.63 35.70
C13 ZP6 M . -2.84 -3.25 35.66
O3 ZP6 M . -2.18 -3.51 36.67
C12 ZP6 M . -2.31 -3.66 34.31
C11 ZP6 M . -1.17 -2.70 33.96
C10 ZP6 M . -1.75 -1.66 33.05
C9 ZP6 M . -2.92 -2.36 32.37
N1 ZP6 M . -3.20 -3.55 33.15
C8 ZP6 M . -4.11 -4.48 32.81
O2 ZP6 M . -4.53 -5.40 33.52
O1 ZP6 M . -4.63 -4.37 31.45
C7 ZP6 M . -5.75 -5.16 31.02
C5 ZP6 M . -5.33 -6.52 30.50
C6 ZP6 M . -5.94 -7.68 31.03
C1 ZP6 M . -5.60 -8.95 30.57
C4 ZP6 M . -4.37 -6.64 29.48
C3 ZP6 M . -4.02 -7.91 29.01
C2 ZP6 M . -4.63 -9.06 29.54
C1 GOL N . 7.63 10.81 42.55
O1 GOL N . 8.16 9.87 43.48
C2 GOL N . 7.74 10.32 41.11
O2 GOL N . 6.80 9.28 40.90
C3 GOL N . 9.15 9.84 40.75
O3 GOL N . 9.42 9.95 39.35
C1 GOL O . -18.01 -17.87 39.19
O1 GOL O . -19.29 -17.63 39.77
C2 GOL O . -17.66 -19.35 39.19
O2 GOL O . -17.83 -19.91 40.50
C3 GOL O . -16.27 -19.64 38.68
O3 GOL O . -15.33 -19.74 39.74
#